data_3UJH
#
_entry.id   3UJH
#
_cell.length_a   77.820
_cell.length_b   111.360
_cell.length_c   137.280
_cell.angle_alpha   90.000
_cell.angle_beta   90.000
_cell.angle_gamma   90.000
#
_symmetry.space_group_name_H-M   'P 21 21 21'
#
loop_
_entity.id
_entity.type
_entity.pdbx_description
1 polymer 'Glucose-6-phosphate isomerase'
2 non-polymer GLUCOSE-6-PHOSPHATE
3 non-polymer 'CHLORIDE ION'
4 non-polymer 1,2-ETHANEDIOL
5 water water
#
_entity_poly.entity_id   1
_entity_poly.type   'polypeptide(L)'
_entity_poly.pdbx_seq_one_letter_code
;GPGSMAPTQLEQCASHGKLLQEKKKLEKLHLRDLLKDEARNDLLIRSTDQGVYLDFSRQKITLETLQHLVNLAHERQVPA
MVKRMFSGEKINQTENRAVLHVALRMPEGSEPVHVDGKNVLDEVHAVLRRIRVFSEKVRSGEIRGHTGKKLVNVISIGIG
GSYLGTEFVHLALAAEGYAAEKAHGRQIHFLANVDPVDVWLAERGFDPEETLVVVISKTFTTAETMMNARSVRDWYLHHY
KGDERALGAHFCAVSTNLDGTSKFGIQSDRVFGFWDWVGGRYSVTSAVGILPLALQYGYDVAQEFLNGAHAMDVHFKTAE
LADNLPMLMGLISVWNATFFGYSNVAVLPYAQALLRFPAHIQQLTMESNGKRVTMDGKTLDFDVGEIFFGEPGTNGQHSF
YQLIHQGRVIPAEFIGFCKSQRAIKLKEEPVSNHDELMSNFFAQPDALAFGKTPEELRKEGIPEKLVPHKTFPGDRPSCM
LLFPEISPFHIGQLLALYEHRVAVEGWLWGINSFDQWGVELGKVLAKGVRGILQKRREGKAPHESGQSELCSSTRKILEH
YVQQSKA
;
_entity_poly.pdbx_strand_id   A,B
#
# COMPACT_ATOMS: atom_id res chain seq x y z
N GLY A 1 -9.43 -33.67 -17.59
CA GLY A 1 -8.19 -34.08 -18.28
C GLY A 1 -7.20 -34.98 -17.54
N PRO A 2 -7.52 -36.29 -17.38
CA PRO A 2 -8.90 -36.86 -17.32
C PRO A 2 -9.58 -36.59 -15.93
N GLY A 3 -10.89 -36.34 -15.93
CA GLY A 3 -11.60 -36.03 -14.69
C GLY A 3 -11.43 -34.61 -14.15
N SER A 4 -10.66 -33.76 -14.86
CA SER A 4 -10.48 -32.38 -14.41
C SER A 4 -11.83 -31.65 -14.26
N MET A 5 -11.83 -30.66 -13.37
CA MET A 5 -13.06 -30.04 -12.92
C MET A 5 -13.75 -29.17 -13.99
N ALA A 6 -12.96 -28.56 -14.87
CA ALA A 6 -13.45 -27.68 -15.93
C ALA A 6 -12.49 -27.88 -17.10
N PRO A 7 -12.69 -28.94 -17.89
CA PRO A 7 -11.65 -29.30 -18.89
C PRO A 7 -11.44 -28.43 -20.13
N THR A 8 -12.37 -27.53 -20.47
CA THR A 8 -12.14 -26.71 -21.68
C THR A 8 -11.24 -25.55 -21.29
N GLN A 9 -9.93 -25.66 -21.52
CA GLN A 9 -8.99 -24.56 -21.21
C GLN A 9 -9.54 -23.31 -21.89
N LEU A 10 -9.17 -22.17 -21.35
CA LEU A 10 -9.66 -20.90 -21.85
C LEU A 10 -9.58 -20.75 -23.41
N GLU A 11 -8.49 -21.21 -24.03
CA GLU A 11 -8.30 -21.02 -25.47
C GLU A 11 -9.18 -21.96 -26.27
N GLN A 12 -9.51 -23.12 -25.70
CA GLN A 12 -10.45 -24.05 -26.33
C GLN A 12 -11.90 -23.57 -26.25
N CYS A 13 -12.25 -22.68 -25.32
CA CYS A 13 -13.66 -22.32 -25.16
C CYS A 13 -14.22 -21.68 -26.45
N ALA A 14 -15.48 -21.98 -26.76
CA ALA A 14 -16.14 -21.48 -27.97
C ALA A 14 -16.08 -19.94 -28.04
N SER A 15 -16.26 -19.28 -26.92
CA SER A 15 -16.36 -17.82 -26.88
C SER A 15 -14.99 -17.11 -26.85
N HIS A 16 -13.91 -17.89 -26.79
CA HIS A 16 -12.60 -17.30 -26.70
C HIS A 16 -12.22 -16.66 -28.02
N GLY A 17 -12.38 -17.43 -29.09
CA GLY A 17 -12.23 -16.90 -30.42
C GLY A 17 -13.10 -15.67 -30.65
N LYS A 18 -14.37 -15.76 -30.27
CA LYS A 18 -15.30 -14.61 -30.38
C LYS A 18 -14.81 -13.41 -29.59
N LEU A 19 -14.26 -13.66 -28.41
CA LEU A 19 -13.86 -12.57 -27.52
C LEU A 19 -12.59 -11.92 -28.02
N LEU A 20 -11.69 -12.69 -28.64
CA LEU A 20 -10.51 -12.09 -29.30
C LEU A 20 -10.94 -11.08 -30.38
N GLN A 21 -11.95 -11.39 -31.16
CA GLN A 21 -12.50 -10.44 -32.15
C GLN A 21 -13.13 -9.21 -31.51
N GLU A 22 -13.95 -9.42 -30.49
CA GLU A 22 -14.45 -8.29 -29.74
C GLU A 22 -13.33 -7.38 -29.31
N LYS A 23 -12.22 -7.94 -28.84
CA LYS A 23 -11.11 -7.10 -28.37
C LYS A 23 -10.62 -6.20 -29.52
N LYS A 24 -10.37 -6.81 -30.69
CA LYS A 24 -10.03 -6.06 -31.89
C LYS A 24 -11.07 -4.98 -32.22
N LYS A 25 -12.35 -5.32 -32.10
CA LYS A 25 -13.41 -4.32 -32.36
C LYS A 25 -13.42 -3.21 -31.28
N LEU A 26 -13.36 -3.61 -30.01
CA LEU A 26 -13.58 -2.67 -28.92
C LEU A 26 -12.37 -1.74 -28.75
N GLU A 27 -11.16 -2.18 -29.14
CA GLU A 27 -10.00 -1.31 -28.98
C GLU A 27 -10.06 -0.15 -29.95
N LYS A 28 -10.87 -0.24 -31.01
CA LYS A 28 -11.00 0.90 -31.92
C LYS A 28 -11.99 1.94 -31.39
N LEU A 29 -12.84 1.60 -30.42
CA LEU A 29 -13.92 2.47 -29.95
C LEU A 29 -13.55 3.09 -28.62
N HIS A 30 -13.70 4.39 -28.51
CA HIS A 30 -13.38 5.12 -27.30
C HIS A 30 -14.54 5.05 -26.33
N LEU A 31 -14.23 5.01 -25.02
CA LEU A 31 -15.29 5.07 -24.00
C LEU A 31 -16.21 6.27 -24.16
N ARG A 32 -15.68 7.39 -24.63
CA ARG A 32 -16.51 8.58 -24.77
C ARG A 32 -17.62 8.37 -25.79
N ASP A 33 -17.39 7.50 -26.75
CA ASP A 33 -18.43 7.14 -27.72
C ASP A 33 -19.34 6.04 -27.17
N LEU A 34 -18.79 4.98 -26.59
CA LEU A 34 -19.63 3.91 -26.03
C LEU A 34 -20.62 4.46 -24.99
N LEU A 35 -20.16 5.40 -24.18
CA LEU A 35 -21.02 5.98 -23.12
C LEU A 35 -22.16 6.89 -23.67
N LYS A 36 -22.15 7.22 -24.96
CA LYS A 36 -23.27 7.96 -25.57
C LYS A 36 -24.49 7.07 -25.66
N ASP A 37 -24.29 5.75 -25.55
CA ASP A 37 -25.36 4.77 -25.69
C ASP A 37 -26.00 4.46 -24.33
N GLU A 38 -27.10 5.16 -24.04
CA GLU A 38 -27.76 5.04 -22.73
C GLU A 38 -28.42 3.72 -22.49
N ALA A 39 -28.99 3.18 -23.54
CA ALA A 39 -29.58 1.85 -23.47
C ALA A 39 -28.50 0.84 -23.03
N ARG A 40 -27.30 0.96 -23.58
CA ARG A 40 -26.16 0.14 -23.21
C ARG A 40 -25.75 0.42 -21.76
N ASN A 41 -25.55 1.67 -21.42
CA ASN A 41 -25.17 2.05 -20.06
C ASN A 41 -26.12 1.50 -19.03
N ASP A 42 -27.40 1.73 -19.28
CA ASP A 42 -28.43 1.23 -18.40
C ASP A 42 -28.39 -0.25 -18.15
N LEU A 43 -27.92 -1.05 -19.10
CA LEU A 43 -27.91 -2.50 -18.91
C LEU A 43 -26.57 -2.96 -18.33
N LEU A 44 -25.69 -2.01 -17.95
CA LEU A 44 -24.43 -2.34 -17.30
C LEU A 44 -24.40 -1.81 -15.88
N ILE A 45 -25.55 -1.81 -15.23
CA ILE A 45 -25.70 -1.47 -13.82
C ILE A 45 -26.39 -2.64 -13.18
N ARG A 46 -26.00 -2.97 -11.96
CA ARG A 46 -26.68 -3.99 -11.15
C ARG A 46 -26.84 -3.45 -9.73
N SER A 47 -27.91 -3.81 -9.06
CA SER A 47 -28.24 -3.17 -7.80
C SER A 47 -29.00 -4.18 -6.98
N THR A 48 -28.39 -4.73 -5.93
CA THR A 48 -29.02 -5.80 -5.15
C THR A 48 -30.00 -5.27 -4.15
N ASP A 49 -30.86 -6.17 -3.68
CA ASP A 49 -31.87 -5.78 -2.73
C ASP A 49 -31.30 -5.58 -1.32
N GLN A 50 -30.02 -5.89 -1.10
CA GLN A 50 -29.39 -5.51 0.17
C GLN A 50 -28.34 -4.40 0.04
N GLY A 51 -28.48 -3.55 -0.97
CA GLY A 51 -27.77 -2.28 -0.98
C GLY A 51 -26.51 -2.19 -1.80
N VAL A 52 -26.17 -3.25 -2.54
CA VAL A 52 -24.95 -3.17 -3.37
C VAL A 52 -25.26 -2.71 -4.81
N TYR A 53 -24.73 -1.53 -5.12
CA TYR A 53 -24.86 -0.92 -6.44
C TYR A 53 -23.50 -1.01 -7.17
N LEU A 54 -23.50 -1.63 -8.35
CA LEU A 54 -22.29 -1.77 -9.19
C LEU A 54 -22.53 -1.19 -10.58
N ASP A 55 -21.69 -0.25 -10.99
CA ASP A 55 -21.78 0.28 -12.35
C ASP A 55 -20.51 -0.05 -13.10
N PHE A 56 -20.66 -0.81 -14.18
CA PHE A 56 -19.55 -1.23 -15.01
C PHE A 56 -19.72 -0.77 -16.48
N SER A 57 -20.29 0.42 -16.66
CA SER A 57 -20.50 0.99 -17.98
C SER A 57 -19.21 1.54 -18.61
N ARG A 58 -18.25 1.92 -17.77
CA ARG A 58 -16.97 2.51 -18.20
C ARG A 58 -15.95 1.41 -18.50
N GLN A 59 -16.37 0.44 -19.30
CA GLN A 59 -15.57 -0.72 -19.65
C GLN A 59 -15.68 -0.86 -21.16
N LYS A 60 -14.64 -1.39 -21.77
CA LYS A 60 -14.59 -1.54 -23.23
C LYS A 60 -15.39 -2.77 -23.65
N ILE A 61 -16.71 -2.67 -23.47
CA ILE A 61 -17.65 -3.72 -23.80
C ILE A 61 -18.92 -3.14 -24.45
N THR A 62 -19.49 -3.89 -25.37
CA THR A 62 -20.85 -3.70 -25.83
C THR A 62 -21.66 -4.71 -25.09
N LEU A 63 -22.97 -4.69 -25.25
CA LEU A 63 -23.82 -5.74 -24.65
C LEU A 63 -23.48 -7.08 -25.29
N GLU A 64 -23.01 -7.03 -26.54
CA GLU A 64 -22.58 -8.22 -27.25
C GLU A 64 -21.37 -8.84 -26.58
N THR A 65 -20.40 -8.00 -26.28
CA THR A 65 -19.19 -8.45 -25.60
C THR A 65 -19.58 -9.09 -24.26
N LEU A 66 -20.51 -8.46 -23.54
CA LEU A 66 -20.92 -8.99 -22.24
C LEU A 66 -21.54 -10.39 -22.41
N GLN A 67 -22.35 -10.56 -23.45
CA GLN A 67 -22.96 -11.85 -23.69
C GLN A 67 -21.90 -12.93 -23.93
N HIS A 68 -20.82 -12.57 -24.64
CA HIS A 68 -19.72 -13.51 -24.87
C HIS A 68 -18.98 -13.83 -23.61
N LEU A 69 -18.85 -12.83 -22.73
CA LEU A 69 -18.20 -13.04 -21.43
C LEU A 69 -19.00 -13.99 -20.56
N VAL A 70 -20.29 -13.75 -20.46
CA VAL A 70 -21.18 -14.66 -19.74
C VAL A 70 -21.11 -16.08 -20.33
N ASN A 71 -21.07 -16.19 -21.64
CA ASN A 71 -21.01 -17.52 -22.27
C ASN A 71 -19.70 -18.19 -21.89
N LEU A 72 -18.61 -17.44 -21.90
CA LEU A 72 -17.33 -17.96 -21.50
C LEU A 72 -17.40 -18.49 -20.05
N ALA A 73 -17.98 -17.72 -19.12
CA ALA A 73 -18.15 -18.21 -17.74
C ALA A 73 -18.86 -19.56 -17.70
N HIS A 74 -19.88 -19.72 -18.53
CA HIS A 74 -20.58 -21.01 -18.63
C HIS A 74 -19.67 -22.10 -19.19
N GLU A 75 -18.98 -21.82 -20.29
CA GLU A 75 -18.05 -22.77 -20.91
C GLU A 75 -16.98 -23.25 -19.95
N ARG A 76 -16.56 -22.37 -19.04
CA ARG A 76 -15.58 -22.68 -18.02
C ARG A 76 -16.21 -23.33 -16.78
N GLN A 77 -17.53 -23.51 -16.85
CA GLN A 77 -18.29 -24.18 -15.80
C GLN A 77 -18.12 -23.48 -14.45
N VAL A 78 -18.16 -22.15 -14.45
CA VAL A 78 -18.02 -21.42 -13.20
C VAL A 78 -19.19 -21.62 -12.23
N PRO A 79 -20.45 -21.64 -12.71
CA PRO A 79 -21.57 -22.00 -11.83
C PRO A 79 -21.45 -23.40 -11.19
N ALA A 80 -20.95 -24.36 -11.94
CA ALA A 80 -20.71 -25.70 -11.36
C ALA A 80 -19.60 -25.62 -10.32
N MET A 81 -18.56 -24.79 -10.54
CA MET A 81 -17.49 -24.64 -9.54
C MET A 81 -18.02 -24.06 -8.23
N VAL A 82 -18.92 -23.10 -8.35
CA VAL A 82 -19.56 -22.48 -7.20
C VAL A 82 -20.27 -23.54 -6.36
N LYS A 83 -21.02 -24.44 -6.99
CA LYS A 83 -21.71 -25.51 -6.23
C LYS A 83 -20.74 -26.46 -5.57
N ARG A 84 -19.62 -26.74 -6.22
CA ARG A 84 -18.65 -27.64 -5.61
C ARG A 84 -18.03 -27.00 -4.38
N MET A 85 -17.80 -25.71 -4.48
CA MET A 85 -17.22 -24.99 -3.35
C MET A 85 -18.17 -25.07 -2.15
N PHE A 86 -19.42 -24.68 -2.39
CA PHE A 86 -20.42 -24.64 -1.34
C PHE A 86 -20.78 -25.99 -0.73
N SER A 87 -20.74 -27.06 -1.51
CA SER A 87 -21.08 -28.39 -1.00
C SER A 87 -19.85 -29.06 -0.36
N GLY A 88 -18.71 -28.36 -0.35
CA GLY A 88 -17.56 -28.83 0.38
C GLY A 88 -16.66 -29.82 -0.32
N GLU A 89 -16.73 -29.90 -1.65
CA GLU A 89 -15.78 -30.72 -2.42
C GLU A 89 -14.36 -30.18 -2.28
N LYS A 90 -13.39 -31.08 -2.40
CA LYS A 90 -12.02 -30.69 -2.17
C LYS A 90 -11.41 -30.09 -3.44
N ILE A 91 -11.88 -28.91 -3.79
CA ILE A 91 -11.44 -28.24 -5.00
C ILE A 91 -10.03 -27.63 -4.87
N ASN A 92 -9.47 -27.59 -3.67
CA ASN A 92 -8.08 -27.22 -3.55
C ASN A 92 -7.31 -28.52 -3.76
N GLN A 93 -7.09 -28.84 -5.04
CA GLN A 93 -6.67 -30.17 -5.41
C GLN A 93 -5.20 -30.42 -5.15
N THR A 94 -4.37 -29.38 -5.08
CA THR A 94 -2.94 -29.63 -4.94
C THR A 94 -2.62 -29.91 -3.50
N GLU A 95 -3.49 -29.44 -2.59
CA GLU A 95 -3.40 -29.75 -1.14
C GLU A 95 -4.50 -30.71 -0.65
N ASN A 96 -5.37 -31.11 -1.56
CA ASN A 96 -6.48 -31.99 -1.26
C ASN A 96 -7.28 -31.51 -0.06
N ARG A 97 -7.86 -30.33 -0.23
CA ARG A 97 -8.62 -29.69 0.83
C ARG A 97 -9.88 -29.09 0.25
N ALA A 98 -10.89 -28.91 1.11
CA ALA A 98 -12.08 -28.20 0.74
C ALA A 98 -11.74 -26.74 0.83
N VAL A 99 -12.65 -25.89 0.36
CA VAL A 99 -12.48 -24.48 0.35
C VAL A 99 -13.80 -23.89 0.87
N LEU A 100 -13.87 -23.70 2.18
CA LEU A 100 -15.13 -23.46 2.84
C LEU A 100 -15.12 -22.26 3.78
N HIS A 101 -14.47 -21.18 3.38
CA HIS A 101 -14.67 -19.91 4.09
C HIS A 101 -16.15 -19.60 4.15
N VAL A 102 -16.94 -20.01 3.14
CA VAL A 102 -18.37 -19.69 3.17
C VAL A 102 -19.12 -20.36 4.33
N ALA A 103 -18.65 -21.54 4.75
CA ALA A 103 -19.25 -22.24 5.90
C ALA A 103 -19.11 -21.42 7.18
N LEU A 104 -18.04 -20.59 7.26
CA LEU A 104 -17.73 -19.86 8.52
C LEU A 104 -18.86 -18.94 8.86
N ARG A 105 -19.62 -18.52 7.86
CA ARG A 105 -20.67 -17.58 8.09
C ARG A 105 -22.08 -18.09 7.72
N MET A 106 -22.21 -19.40 7.52
CA MET A 106 -23.54 -19.97 7.37
C MET A 106 -24.19 -19.99 8.73
N PRO A 107 -25.42 -19.46 8.82
CA PRO A 107 -26.06 -19.50 10.13
C PRO A 107 -26.45 -20.89 10.58
N GLU A 108 -26.59 -21.01 11.87
CA GLU A 108 -27.05 -22.21 12.51
C GLU A 108 -28.45 -22.57 11.97
N GLY A 109 -28.63 -23.83 11.59
CA GLY A 109 -29.84 -24.28 10.92
C GLY A 109 -29.66 -24.34 9.41
N SER A 110 -28.55 -23.84 8.91
CA SER A 110 -28.27 -24.03 7.50
C SER A 110 -28.15 -25.51 7.20
N GLU A 111 -28.39 -25.84 5.94
CA GLU A 111 -28.17 -27.18 5.40
C GLU A 111 -26.75 -27.68 5.75
N PRO A 112 -26.63 -28.93 6.22
CA PRO A 112 -25.30 -29.41 6.57
C PRO A 112 -24.26 -29.34 5.42
N VAL A 113 -23.01 -29.10 5.75
CA VAL A 113 -21.93 -29.17 4.76
C VAL A 113 -20.98 -30.25 5.26
N HIS A 114 -20.81 -31.29 4.46
CA HIS A 114 -20.03 -32.45 4.88
C HIS A 114 -18.65 -32.45 4.29
N VAL A 115 -17.66 -32.64 5.18
CA VAL A 115 -16.28 -32.89 4.80
C VAL A 115 -15.89 -34.16 5.57
N ASP A 116 -15.36 -35.16 4.87
CA ASP A 116 -15.08 -36.49 5.45
C ASP A 116 -16.18 -36.99 6.43
N GLY A 117 -17.43 -36.95 6.01
CA GLY A 117 -18.49 -37.47 6.84
C GLY A 117 -18.97 -36.60 8.01
N LYS A 118 -18.27 -35.52 8.36
CA LYS A 118 -18.71 -34.66 9.47
C LYS A 118 -19.35 -33.39 8.92
N ASN A 119 -20.50 -32.97 9.47
CA ASN A 119 -21.04 -31.64 9.22
C ASN A 119 -20.15 -30.59 9.87
N VAL A 120 -19.46 -29.80 9.05
CA VAL A 120 -18.47 -28.85 9.57
C VAL A 120 -19.14 -27.67 10.28
N LEU A 121 -20.42 -27.39 9.98
CA LEU A 121 -21.14 -26.30 10.69
C LEU A 121 -21.23 -26.51 12.23
N ASP A 122 -21.30 -27.76 12.66
CA ASP A 122 -21.28 -28.04 14.09
C ASP A 122 -20.07 -27.45 14.74
N GLU A 123 -18.88 -27.71 14.20
CA GLU A 123 -17.68 -27.14 14.81
C GLU A 123 -17.56 -25.62 14.58
N VAL A 124 -18.03 -25.15 13.43
CA VAL A 124 -18.07 -23.69 13.17
C VAL A 124 -18.82 -22.93 14.23
N HIS A 125 -20.02 -23.41 14.56
CA HIS A 125 -20.83 -22.76 15.56
C HIS A 125 -20.38 -23.00 16.98
N ALA A 126 -19.78 -24.16 17.26
CA ALA A 126 -19.22 -24.42 18.60
C ALA A 126 -18.11 -23.41 18.93
N VAL A 127 -17.20 -23.16 17.99
CA VAL A 127 -16.21 -22.12 18.14
C VAL A 127 -16.84 -20.73 18.25
N LEU A 128 -17.80 -20.39 17.39
CA LEU A 128 -18.42 -19.06 17.51
C LEU A 128 -19.05 -18.84 18.90
N ARG A 129 -19.70 -19.87 19.42
CA ARG A 129 -20.28 -19.76 20.77
C ARG A 129 -19.22 -19.53 21.82
N ARG A 130 -18.09 -20.22 21.67
CA ARG A 130 -17.02 -20.05 22.64
C ARG A 130 -16.40 -18.65 22.56
N ILE A 131 -16.23 -18.13 21.34
CA ILE A 131 -15.72 -16.77 21.20
C ILE A 131 -16.71 -15.79 21.87
N ARG A 132 -18.00 -16.06 21.72
CA ARG A 132 -19.00 -15.13 22.21
C ARG A 132 -18.90 -15.08 23.75
N VAL A 133 -18.93 -16.24 24.37
CA VAL A 133 -18.82 -16.35 25.81
C VAL A 133 -17.52 -15.72 26.31
N PHE A 134 -16.41 -16.04 25.64
CA PHE A 134 -15.07 -15.60 26.06
C PHE A 134 -14.91 -14.08 25.93
N SER A 135 -15.30 -13.56 24.78
CA SER A 135 -15.28 -12.11 24.56
C SER A 135 -16.17 -11.38 25.58
N GLU A 136 -17.37 -11.91 25.85
CA GLU A 136 -18.27 -11.30 26.85
C GLU A 136 -17.59 -11.22 28.22
N LYS A 137 -17.02 -12.33 28.68
CA LYS A 137 -16.35 -12.35 29.98
C LYS A 137 -15.09 -11.46 30.11
N VAL A 138 -14.24 -11.44 29.09
CA VAL A 138 -13.05 -10.57 29.06
C VAL A 138 -13.55 -9.11 29.16
N ARG A 139 -14.53 -8.75 28.33
CA ARG A 139 -15.02 -7.37 28.24
C ARG A 139 -15.69 -6.89 29.53
N SER A 140 -16.43 -7.76 30.20
CA SER A 140 -17.13 -7.44 31.43
C SER A 140 -16.20 -7.42 32.66
N GLY A 141 -15.06 -8.10 32.57
CA GLY A 141 -14.20 -8.30 33.73
C GLY A 141 -14.49 -9.58 34.49
N GLU A 142 -15.39 -10.43 34.02
CA GLU A 142 -15.52 -11.75 34.65
C GLU A 142 -14.21 -12.55 34.54
N ILE A 143 -13.52 -12.43 33.42
CA ILE A 143 -12.17 -12.99 33.27
C ILE A 143 -11.20 -11.81 33.42
N ARG A 144 -10.24 -11.96 34.33
CA ARG A 144 -9.22 -10.95 34.62
C ARG A 144 -7.78 -11.43 34.33
N GLY A 145 -6.86 -10.48 34.25
CA GLY A 145 -5.42 -10.75 34.23
C GLY A 145 -4.93 -11.42 35.51
N HIS A 146 -3.63 -11.74 35.57
CA HIS A 146 -3.08 -12.50 36.68
C HIS A 146 -3.16 -11.76 37.99
N THR A 147 -3.08 -10.44 37.95
CA THR A 147 -3.19 -9.67 39.17
C THR A 147 -4.62 -9.14 39.43
N GLY A 148 -5.62 -9.66 38.73
CA GLY A 148 -7.00 -9.23 38.91
C GLY A 148 -7.49 -8.00 38.14
N LYS A 149 -6.70 -7.46 37.23
CA LYS A 149 -7.15 -6.29 36.44
C LYS A 149 -7.95 -6.72 35.23
N LYS A 150 -8.85 -5.86 34.80
CA LYS A 150 -9.61 -6.06 33.55
C LYS A 150 -8.67 -6.00 32.38
N LEU A 151 -8.87 -6.89 31.42
CA LEU A 151 -8.01 -6.89 30.23
C LEU A 151 -8.58 -5.88 29.23
N VAL A 152 -7.97 -4.71 29.10
CA VAL A 152 -8.51 -3.67 28.21
C VAL A 152 -7.62 -3.50 26.95
N ASN A 153 -6.46 -4.17 26.89
CA ASN A 153 -5.58 -4.17 25.73
C ASN A 153 -5.45 -5.57 25.11
N VAL A 154 -5.34 -5.61 23.78
CA VAL A 154 -5.09 -6.87 23.03
C VAL A 154 -3.88 -6.69 22.12
N ILE A 155 -2.94 -7.62 22.24
CA ILE A 155 -1.86 -7.77 21.26
C ILE A 155 -2.25 -9.01 20.48
N SER A 156 -2.54 -8.80 19.19
CA SER A 156 -2.93 -9.86 18.29
C SER A 156 -1.71 -10.13 17.40
N ILE A 157 -1.11 -11.31 17.55
CA ILE A 157 0.14 -11.67 16.93
C ILE A 157 -0.22 -12.56 15.74
N GLY A 158 0.23 -12.18 14.56
CA GLY A 158 -0.12 -12.89 13.33
C GLY A 158 0.34 -12.08 12.15
N ILE A 159 0.73 -12.80 11.08
CA ILE A 159 1.22 -12.23 9.84
C ILE A 159 0.37 -12.70 8.63
N GLY A 160 0.42 -11.90 7.56
CA GLY A 160 -0.31 -12.25 6.35
C GLY A 160 -1.81 -12.39 6.58
N GLY A 161 -2.37 -13.54 6.20
CA GLY A 161 -3.76 -13.83 6.36
C GLY A 161 -4.25 -13.81 7.82
N SER A 162 -3.31 -13.98 8.76
CA SER A 162 -3.64 -13.97 10.17
C SER A 162 -3.78 -12.54 10.76
N TYR A 163 -3.57 -11.49 9.94
CA TYR A 163 -3.98 -10.12 10.34
C TYR A 163 -4.52 -9.13 9.29
N LEU A 164 -4.20 -9.27 8.01
CA LEU A 164 -4.50 -8.23 7.02
C LEU A 164 -5.97 -8.00 6.91
N GLY A 165 -6.74 -9.09 6.81
CA GLY A 165 -8.18 -8.94 6.75
C GLY A 165 -8.75 -8.30 8.02
N THR A 166 -8.25 -8.77 9.17
CA THR A 166 -8.73 -8.37 10.46
C THR A 166 -8.43 -6.91 10.64
N GLU A 167 -7.21 -6.48 10.28
CA GLU A 167 -6.86 -5.08 10.45
C GLU A 167 -7.71 -4.17 9.54
N PHE A 168 -8.00 -4.62 8.31
CA PHE A 168 -8.95 -3.98 7.39
C PHE A 168 -10.31 -3.74 8.09
N VAL A 169 -10.87 -4.81 8.65
CA VAL A 169 -12.20 -4.72 9.28
C VAL A 169 -12.16 -3.86 10.54
N HIS A 170 -11.10 -4.03 11.33
CA HIS A 170 -10.90 -3.28 12.56
C HIS A 170 -10.99 -1.80 12.31
N LEU A 171 -10.19 -1.31 11.35
CA LEU A 171 -10.16 0.11 11.04
C LEU A 171 -11.44 0.57 10.40
N ALA A 172 -12.05 -0.29 9.56
CA ALA A 172 -13.35 0.01 8.96
C ALA A 172 -14.44 0.33 9.94
N LEU A 173 -14.40 -0.34 11.10
CA LEU A 173 -15.45 -0.19 12.11
C LEU A 173 -15.09 0.83 13.20
N ALA A 174 -13.83 1.27 13.28
CA ALA A 174 -13.36 2.05 14.43
C ALA A 174 -14.17 3.33 14.72
N ALA A 175 -14.59 4.02 13.64
CA ALA A 175 -15.29 5.30 13.75
C ALA A 175 -16.83 5.11 13.67
N GLU A 176 -17.27 3.88 13.49
CA GLU A 176 -18.71 3.60 13.41
C GLU A 176 -19.35 3.89 14.76
N GLY A 177 -20.50 4.57 14.74
CA GLY A 177 -21.08 5.09 15.96
C GLY A 177 -21.22 4.05 17.08
N TYR A 178 -21.84 2.94 16.74
CA TYR A 178 -22.13 1.90 17.70
C TYR A 178 -20.85 1.12 18.04
N ALA A 179 -20.08 0.72 17.04
CA ALA A 179 -18.83 0.01 17.27
C ALA A 179 -17.89 0.82 18.17
N ALA A 180 -17.75 2.12 17.92
CA ALA A 180 -16.87 2.97 18.71
C ALA A 180 -17.26 2.94 20.20
N GLU A 181 -18.55 3.10 20.49
CA GLU A 181 -19.01 3.01 21.86
C GLU A 181 -18.61 1.70 22.47
N LYS A 182 -18.88 0.60 21.77
CA LYS A 182 -18.51 -0.71 22.33
C LYS A 182 -17.00 -0.91 22.50
N ALA A 183 -16.19 -0.21 21.72
CA ALA A 183 -14.73 -0.34 21.82
C ALA A 183 -14.16 0.71 22.81
N HIS A 184 -15.01 1.47 23.47
CA HIS A 184 -14.51 2.59 24.26
C HIS A 184 -13.65 2.09 25.37
N GLY A 185 -12.47 2.69 25.53
CA GLY A 185 -11.53 2.28 26.56
C GLY A 185 -10.64 1.12 26.14
N ARG A 186 -10.87 0.57 24.95
CA ARG A 186 -10.19 -0.66 24.55
CA ARG A 186 -10.20 -0.66 24.52
C ARG A 186 -9.23 -0.42 23.37
N GLN A 187 -8.14 -1.18 23.35
CA GLN A 187 -7.08 -1.02 22.37
C GLN A 187 -6.61 -2.37 21.84
N ILE A 188 -6.20 -2.37 20.58
CA ILE A 188 -5.66 -3.54 19.95
C ILE A 188 -4.46 -3.12 19.08
N HIS A 189 -3.35 -3.82 19.31
CA HIS A 189 -2.18 -3.68 18.49
C HIS A 189 -1.99 -4.94 17.70
N PHE A 190 -1.61 -4.80 16.44
CA PHE A 190 -1.33 -5.93 15.58
C PHE A 190 0.17 -6.12 15.47
N LEU A 191 0.65 -7.24 16.00
CA LEU A 191 2.05 -7.60 15.93
C LEU A 191 2.23 -8.61 14.80
N ALA A 192 2.85 -8.14 13.70
CA ALA A 192 2.98 -8.90 12.47
C ALA A 192 4.43 -9.23 12.08
N ASN A 193 5.26 -8.22 11.94
CA ASN A 193 6.63 -8.40 11.44
C ASN A 193 7.51 -9.06 12.50
N VAL A 194 8.47 -9.87 12.07
CA VAL A 194 9.50 -10.42 12.98
C VAL A 194 10.50 -9.32 13.34
N ASP A 195 10.50 -8.20 12.58
CA ASP A 195 11.31 -7.04 12.96
C ASP A 195 11.01 -6.74 14.42
N PRO A 196 12.03 -6.77 15.30
CA PRO A 196 11.72 -6.56 16.72
C PRO A 196 11.19 -5.18 17.06
N VAL A 197 11.31 -4.24 16.13
CA VAL A 197 10.67 -2.95 16.30
C VAL A 197 9.15 -3.09 16.40
N ASP A 198 8.61 -4.09 15.73
CA ASP A 198 7.17 -4.26 15.70
C ASP A 198 6.76 -4.78 17.07
N VAL A 199 7.60 -5.63 17.70
CA VAL A 199 7.37 -6.05 19.09
C VAL A 199 7.35 -4.82 20.01
N TRP A 200 8.29 -3.91 19.82
CA TRP A 200 8.32 -2.70 20.68
C TRP A 200 7.09 -1.83 20.48
N LEU A 201 6.65 -1.72 19.25
CA LEU A 201 5.46 -0.92 18.92
C LEU A 201 4.21 -1.56 19.54
N ALA A 202 4.09 -2.89 19.45
CA ALA A 202 2.92 -3.58 20.00
C ALA A 202 2.81 -3.44 21.51
N GLU A 203 3.97 -3.35 22.17
CA GLU A 203 4.04 -3.27 23.62
C GLU A 203 3.81 -1.87 24.16
N ARG A 204 3.97 -0.88 23.29
CA ARG A 204 4.02 0.51 23.73
CA ARG A 204 4.01 0.50 23.73
C ARG A 204 2.69 0.91 24.32
N GLY A 205 2.74 1.52 25.48
CA GLY A 205 1.54 1.99 26.17
C GLY A 205 0.70 0.87 26.77
N PHE A 206 1.16 -0.38 26.74
CA PHE A 206 0.36 -1.48 27.28
C PHE A 206 0.98 -1.98 28.59
N ASP A 207 0.22 -1.95 29.66
CA ASP A 207 0.60 -2.61 30.88
C ASP A 207 0.32 -4.11 30.74
N PRO A 208 1.35 -4.93 30.89
CA PRO A 208 1.07 -6.36 30.75
C PRO A 208 -0.12 -6.89 31.59
N GLU A 209 -0.31 -6.35 32.79
CA GLU A 209 -1.41 -6.83 33.68
C GLU A 209 -2.83 -6.60 33.12
N GLU A 210 -2.93 -5.66 32.17
CA GLU A 210 -4.21 -5.30 31.57
C GLU A 210 -4.27 -5.73 30.12
N THR A 211 -3.38 -6.63 29.73
CA THR A 211 -3.21 -6.95 28.32
C THR A 211 -3.41 -8.45 28.06
N LEU A 212 -4.13 -8.74 26.97
CA LEU A 212 -4.42 -10.11 26.56
C LEU A 212 -3.67 -10.37 25.27
N VAL A 213 -2.94 -11.48 25.18
CA VAL A 213 -2.21 -11.80 23.96
C VAL A 213 -3.01 -12.86 23.18
N VAL A 214 -3.29 -12.59 21.90
CA VAL A 214 -3.87 -13.58 21.00
C VAL A 214 -2.83 -14.04 19.98
N VAL A 215 -2.44 -15.31 20.00
CA VAL A 215 -1.45 -15.82 19.05
C VAL A 215 -2.18 -16.53 17.91
N ILE A 216 -2.01 -16.03 16.68
CA ILE A 216 -2.82 -16.44 15.56
C ILE A 216 -1.96 -16.99 14.47
N SER A 217 -2.06 -18.31 14.27
CA SER A 217 -1.33 -19.01 13.21
C SER A 217 -1.95 -20.38 12.93
N LYS A 218 -2.23 -20.58 11.64
CA LYS A 218 -2.92 -21.75 11.15
C LYS A 218 -2.14 -22.96 11.56
N THR A 219 -0.84 -22.91 11.27
CA THR A 219 0.03 -24.06 11.49
C THR A 219 0.58 -24.09 12.89
N PHE A 220 0.59 -22.91 13.49
CA PHE A 220 1.30 -22.66 14.75
C PHE A 220 2.80 -22.92 14.63
N THR A 221 3.32 -22.85 13.42
CA THR A 221 4.77 -22.91 13.21
C THR A 221 5.32 -21.73 12.42
N THR A 222 4.51 -20.77 12.06
CA THR A 222 5.06 -19.69 11.22
C THR A 222 6.22 -19.03 11.96
N ALA A 223 7.37 -18.91 11.30
CA ALA A 223 8.59 -18.42 11.94
C ALA A 223 8.44 -17.06 12.60
N GLU A 224 7.77 -16.12 11.95
CA GLU A 224 7.71 -14.76 12.51
C GLU A 224 6.78 -14.75 13.76
N THR A 225 5.68 -15.46 13.63
CA THR A 225 4.64 -15.43 14.63
C THR A 225 5.09 -16.09 15.89
N MET A 226 5.75 -17.23 15.78
CA MET A 226 6.19 -17.96 16.97
C MET A 226 7.34 -17.23 17.65
N MET A 227 8.20 -16.57 16.87
CA MET A 227 9.27 -15.77 17.44
C MET A 227 8.70 -14.59 18.22
N ASN A 228 7.70 -13.93 17.63
CA ASN A 228 6.96 -12.84 18.28
C ASN A 228 6.26 -13.29 19.55
N ALA A 229 5.65 -14.48 19.48
CA ALA A 229 4.93 -15.02 20.62
C ALA A 229 5.88 -15.31 21.79
N ARG A 230 7.04 -15.93 21.51
CA ARG A 230 8.06 -16.13 22.54
C ARG A 230 8.63 -14.82 23.07
N SER A 231 8.75 -13.79 22.22
CA SER A 231 9.28 -12.51 22.66
C SER A 231 8.30 -11.80 23.58
N VAL A 232 7.01 -11.86 23.25
CA VAL A 232 5.99 -11.25 24.08
C VAL A 232 5.90 -12.05 25.39
N ARG A 233 5.99 -13.37 25.29
CA ARG A 233 6.11 -14.22 26.47
C ARG A 233 7.19 -13.74 27.43
N ASP A 234 8.40 -13.53 26.89
CA ASP A 234 9.56 -12.99 27.62
C ASP A 234 9.26 -11.61 28.26
N TRP A 235 8.56 -10.74 27.54
CA TRP A 235 8.08 -9.46 28.10
C TRP A 235 7.21 -9.61 29.36
N TYR A 236 6.31 -10.59 29.35
CA TYR A 236 5.51 -10.97 30.52
C TYR A 236 6.39 -11.55 31.63
N LEU A 237 7.38 -12.34 31.25
CA LEU A 237 8.24 -12.94 32.26
C LEU A 237 9.10 -11.88 32.93
N HIS A 238 9.52 -10.85 32.18
CA HIS A 238 10.22 -9.72 32.78
C HIS A 238 9.26 -8.99 33.71
N HIS A 239 8.05 -8.75 33.27
CA HIS A 239 7.07 -8.02 34.09
C HIS A 239 6.79 -8.74 35.38
N TYR A 240 6.58 -10.06 35.28
CA TYR A 240 6.22 -10.91 36.42
C TYR A 240 7.42 -11.57 37.12
N LYS A 241 8.61 -11.06 36.86
CA LYS A 241 9.81 -11.47 37.56
C LYS A 241 10.02 -12.95 37.52
N GLY A 242 9.82 -13.54 36.36
CA GLY A 242 10.10 -14.93 36.14
C GLY A 242 9.03 -15.91 36.53
N ASP A 243 7.91 -15.44 37.06
CA ASP A 243 6.85 -16.36 37.52
C ASP A 243 6.02 -16.81 36.33
N GLU A 244 6.30 -18.02 35.88
CA GLU A 244 5.57 -18.70 34.80
C GLU A 244 4.09 -18.87 35.08
N ARG A 245 3.68 -18.93 36.34
CA ARG A 245 2.29 -19.14 36.66
C ARG A 245 1.44 -17.95 36.26
N ALA A 246 2.07 -16.81 36.08
CA ALA A 246 1.36 -15.60 35.73
C ALA A 246 0.92 -15.57 34.27
N LEU A 247 1.49 -16.45 33.42
CA LEU A 247 1.30 -16.32 31.97
C LEU A 247 -0.07 -16.76 31.46
N GLY A 248 -0.60 -17.83 32.03
CA GLY A 248 -1.80 -18.46 31.49
C GLY A 248 -2.99 -17.54 31.37
N ALA A 249 -3.15 -16.64 32.35
CA ALA A 249 -4.25 -15.68 32.31
C ALA A 249 -4.10 -14.63 31.20
N HIS A 250 -2.93 -14.50 30.59
CA HIS A 250 -2.73 -13.46 29.59
C HIS A 250 -2.62 -13.88 28.14
N PHE A 251 -2.89 -15.14 27.83
CA PHE A 251 -2.58 -15.75 26.54
C PHE A 251 -3.74 -16.59 26.06
N CYS A 252 -4.03 -16.47 24.77
CA CYS A 252 -4.97 -17.33 24.06
C CYS A 252 -4.50 -17.48 22.62
N ALA A 253 -5.13 -18.39 21.88
CA ALA A 253 -4.61 -18.77 20.57
C ALA A 253 -5.70 -19.06 19.57
N VAL A 254 -5.34 -18.92 18.29
CA VAL A 254 -6.22 -19.29 17.18
C VAL A 254 -5.37 -20.07 16.17
N SER A 255 -5.70 -21.35 15.98
CA SER A 255 -4.89 -22.21 15.11
C SER A 255 -5.67 -23.42 14.70
N THR A 256 -5.10 -24.24 13.82
CA THR A 256 -5.68 -25.55 13.47
C THR A 256 -4.80 -26.61 14.13
N ASN A 257 -3.71 -26.22 14.77
CA ASN A 257 -2.72 -27.15 15.33
C ASN A 257 -2.74 -27.13 16.88
N LEU A 258 -3.60 -27.96 17.45
CA LEU A 258 -3.74 -28.10 18.90
C LEU A 258 -2.55 -28.72 19.64
N ASP A 259 -1.73 -29.52 18.95
CA ASP A 259 -0.48 -30.00 19.53
C ASP A 259 0.47 -28.80 19.75
N GLY A 260 0.57 -27.95 18.74
CA GLY A 260 1.36 -26.74 18.80
C GLY A 260 0.94 -25.80 19.91
N THR A 261 -0.35 -25.45 19.94
CA THR A 261 -0.87 -24.53 20.97
C THR A 261 -0.61 -25.09 22.41
N SER A 262 -0.83 -26.39 22.61
CA SER A 262 -0.55 -27.03 23.92
C SER A 262 0.93 -26.99 24.29
N LYS A 263 1.81 -27.42 23.38
CA LYS A 263 3.25 -27.34 23.61
C LYS A 263 3.69 -25.92 23.98
N PHE A 264 3.01 -24.92 23.42
CA PHE A 264 3.35 -23.56 23.73
C PHE A 264 2.83 -23.14 25.12
N GLY A 265 1.92 -23.92 25.68
CA GLY A 265 1.44 -23.74 27.07
C GLY A 265 0.04 -23.16 27.16
N ILE A 266 -0.67 -23.11 26.03
CA ILE A 266 -2.03 -22.60 25.97
C ILE A 266 -3.01 -23.79 25.93
N GLN A 267 -3.84 -23.90 26.96
CA GLN A 267 -4.76 -25.02 27.05
C GLN A 267 -5.99 -24.81 26.19
N SER A 268 -6.78 -25.87 26.00
CA SER A 268 -7.80 -25.86 24.95
C SER A 268 -8.95 -24.91 25.24
N ASP A 269 -9.21 -24.59 26.49
CA ASP A 269 -10.25 -23.64 26.85
C ASP A 269 -9.85 -22.17 26.45
N ARG A 270 -8.59 -21.99 26.06
CA ARG A 270 -8.07 -20.71 25.55
CA ARG A 270 -8.09 -20.72 25.55
C ARG A 270 -7.65 -20.82 24.07
N VAL A 271 -7.99 -21.91 23.40
CA VAL A 271 -7.72 -22.02 21.95
C VAL A 271 -9.05 -21.98 21.24
N PHE A 272 -9.12 -21.17 20.18
CA PHE A 272 -10.35 -21.01 19.43
C PHE A 272 -9.97 -21.36 18.02
N GLY A 273 -10.31 -22.59 17.66
CA GLY A 273 -9.76 -23.23 16.49
C GLY A 273 -10.44 -22.87 15.18
N PHE A 274 -9.76 -23.26 14.11
CA PHE A 274 -10.30 -23.21 12.76
C PHE A 274 -9.84 -24.43 11.96
N TRP A 275 -9.96 -24.45 10.62
CA TRP A 275 -9.85 -25.69 9.87
C TRP A 275 -9.03 -25.53 8.63
N ASP A 276 -8.52 -26.67 8.12
CA ASP A 276 -7.56 -26.61 7.01
C ASP A 276 -8.19 -26.05 5.74
N TRP A 277 -9.50 -26.12 5.65
CA TRP A 277 -10.24 -25.61 4.52
C TRP A 277 -10.53 -24.15 4.60
N VAL A 278 -9.96 -23.46 5.57
CA VAL A 278 -9.95 -22.00 5.66
C VAL A 278 -8.57 -21.48 5.26
N GLY A 279 -8.45 -20.95 4.05
CA GLY A 279 -7.19 -20.33 3.62
C GLY A 279 -6.91 -19.07 4.43
N GLY A 280 -5.62 -18.79 4.68
CA GLY A 280 -5.25 -17.63 5.46
C GLY A 280 -5.90 -16.36 4.94
N ARG A 281 -5.78 -16.18 3.61
CA ARG A 281 -6.27 -14.97 2.99
C ARG A 281 -7.81 -14.95 2.90
N TYR A 282 -8.45 -16.02 3.35
CA TYR A 282 -9.87 -16.15 3.40
C TYR A 282 -10.33 -16.44 4.86
N SER A 283 -9.53 -16.06 5.86
CA SER A 283 -9.74 -16.52 7.25
C SER A 283 -10.37 -15.53 8.21
N VAL A 284 -10.51 -14.26 7.79
CA VAL A 284 -11.07 -13.22 8.66
C VAL A 284 -12.46 -13.56 9.22
N THR A 285 -13.26 -14.40 8.53
CA THR A 285 -14.61 -14.77 9.05
C THR A 285 -14.57 -16.02 9.98
N SER A 286 -13.38 -16.57 10.18
CA SER A 286 -13.15 -17.60 11.17
C SER A 286 -12.68 -16.93 12.45
N ALA A 287 -12.31 -17.75 13.43
CA ALA A 287 -11.80 -17.27 14.72
C ALA A 287 -10.66 -16.25 14.51
N VAL A 288 -9.87 -16.42 13.44
CA VAL A 288 -8.78 -15.46 13.09
C VAL A 288 -9.19 -14.01 13.23
N GLY A 289 -10.33 -13.65 12.66
CA GLY A 289 -10.81 -12.28 12.75
C GLY A 289 -11.87 -12.08 13.83
N ILE A 290 -12.74 -13.08 13.99
CA ILE A 290 -13.92 -12.95 14.85
C ILE A 290 -13.52 -12.80 16.30
N LEU A 291 -12.46 -13.48 16.74
CA LEU A 291 -12.04 -13.30 18.14
C LEU A 291 -11.54 -11.86 18.42
N PRO A 292 -10.51 -11.38 17.68
CA PRO A 292 -10.06 -10.02 18.00
C PRO A 292 -11.13 -8.96 17.77
N LEU A 293 -11.97 -9.15 16.75
CA LEU A 293 -13.04 -8.19 16.48
C LEU A 293 -14.09 -8.20 17.60
N ALA A 294 -14.46 -9.41 18.04
CA ALA A 294 -15.34 -9.60 19.19
C ALA A 294 -14.76 -9.04 20.49
N LEU A 295 -13.46 -9.24 20.72
CA LEU A 295 -12.80 -8.62 21.88
C LEU A 295 -12.88 -7.09 21.81
N GLN A 296 -12.65 -6.51 20.62
CA GLN A 296 -12.60 -5.03 20.55
C GLN A 296 -14.01 -4.39 20.60
N TYR A 297 -14.95 -5.01 19.89
CA TYR A 297 -16.24 -4.40 19.57
C TYR A 297 -17.47 -5.10 20.15
N GLY A 298 -17.27 -6.29 20.74
CA GLY A 298 -18.33 -7.14 21.23
C GLY A 298 -18.81 -8.14 20.15
N TYR A 299 -19.36 -9.28 20.59
CA TYR A 299 -19.70 -10.34 19.65
C TYR A 299 -20.77 -9.92 18.61
N ASP A 300 -21.70 -9.06 19.03
CA ASP A 300 -22.81 -8.57 18.19
C ASP A 300 -22.32 -7.89 16.91
N VAL A 301 -21.33 -7.02 17.03
CA VAL A 301 -20.72 -6.37 15.84
C VAL A 301 -20.09 -7.44 14.92
N ALA A 302 -19.35 -8.38 15.53
CA ALA A 302 -18.74 -9.49 14.77
C ALA A 302 -19.79 -10.36 14.08
N GLN A 303 -20.92 -10.59 14.75
CA GLN A 303 -22.00 -11.37 14.15
C GLN A 303 -22.63 -10.69 12.93
N GLU A 304 -22.74 -9.36 12.95
CA GLU A 304 -23.37 -8.61 11.87
C GLU A 304 -22.41 -8.63 10.68
N PHE A 305 -21.13 -8.49 10.94
CA PHE A 305 -20.10 -8.67 9.93
C PHE A 305 -20.29 -10.06 9.25
N LEU A 306 -20.39 -11.14 10.02
CA LEU A 306 -20.66 -12.47 9.44
C LEU A 306 -21.94 -12.55 8.59
N ASN A 307 -23.02 -11.92 9.06
CA ASN A 307 -24.29 -11.94 8.34
C ASN A 307 -24.23 -11.23 6.98
N GLY A 308 -23.48 -10.15 6.94
CA GLY A 308 -23.24 -9.45 5.69
C GLY A 308 -22.46 -10.28 4.68
N ALA A 309 -21.38 -10.92 5.10
CA ALA A 309 -20.63 -11.85 4.24
C ALA A 309 -21.56 -12.99 3.79
N HIS A 310 -22.39 -13.49 4.69
CA HIS A 310 -23.35 -14.50 4.28
C HIS A 310 -24.34 -13.99 3.24
N ALA A 311 -24.85 -12.80 3.43
CA ALA A 311 -25.77 -12.27 2.43
C ALA A 311 -25.13 -12.33 1.04
N MET A 312 -23.86 -11.94 0.94
CA MET A 312 -23.20 -11.85 -0.36
C MET A 312 -22.94 -13.26 -0.90
N ASP A 313 -22.69 -14.20 0.01
CA ASP A 313 -22.56 -15.63 -0.34
C ASP A 313 -23.84 -16.17 -1.02
N VAL A 314 -24.98 -15.87 -0.42
CA VAL A 314 -26.25 -16.33 -0.97
C VAL A 314 -26.46 -15.79 -2.39
N HIS A 315 -26.18 -14.49 -2.57
CA HIS A 315 -26.17 -13.86 -3.88
C HIS A 315 -25.29 -14.59 -4.85
N PHE A 316 -24.07 -14.91 -4.45
CA PHE A 316 -23.09 -15.57 -5.33
C PHE A 316 -23.57 -16.95 -5.80
N LYS A 317 -24.14 -17.72 -4.89
CA LYS A 317 -24.62 -19.04 -5.24
C LYS A 317 -26.03 -19.09 -5.84
N THR A 318 -26.78 -17.99 -5.81
CA THR A 318 -28.11 -18.04 -6.38
C THR A 318 -28.36 -17.07 -7.54
N ALA A 319 -27.64 -15.96 -7.68
CA ALA A 319 -27.93 -15.02 -8.75
C ALA A 319 -27.54 -15.61 -10.08
N GLU A 320 -28.37 -15.36 -11.10
CA GLU A 320 -28.04 -15.77 -12.47
C GLU A 320 -26.74 -15.12 -12.86
N LEU A 321 -25.98 -15.81 -13.73
CA LEU A 321 -24.64 -15.35 -14.10
C LEU A 321 -24.58 -13.84 -14.45
N ALA A 322 -25.51 -13.38 -15.29
CA ALA A 322 -25.49 -12.02 -15.80
C ALA A 322 -25.88 -10.98 -14.75
N ASP A 323 -26.47 -11.43 -13.64
CA ASP A 323 -26.88 -10.59 -12.50
C ASP A 323 -26.03 -10.82 -11.26
N ASN A 324 -24.93 -11.56 -11.39
CA ASN A 324 -24.14 -12.06 -10.26
C ASN A 324 -22.90 -11.16 -10.15
N LEU A 325 -22.90 -10.30 -9.15
CA LEU A 325 -21.88 -9.26 -9.04
C LEU A 325 -20.44 -9.81 -8.99
N PRO A 326 -20.21 -10.91 -8.22
CA PRO A 326 -18.85 -11.45 -8.23
C PRO A 326 -18.47 -12.00 -9.59
N MET A 327 -19.40 -12.67 -10.27
CA MET A 327 -19.12 -13.23 -11.60
C MET A 327 -18.74 -12.08 -12.51
N LEU A 328 -19.58 -11.05 -12.47
CA LEU A 328 -19.44 -9.91 -13.31
C LEU A 328 -18.09 -9.20 -13.11
N MET A 329 -17.73 -8.93 -11.87
CA MET A 329 -16.43 -8.26 -11.63
C MET A 329 -15.28 -9.17 -12.02
N GLY A 330 -15.47 -10.47 -11.86
CA GLY A 330 -14.48 -11.46 -12.29
C GLY A 330 -14.27 -11.47 -13.79
N LEU A 331 -15.37 -11.50 -14.52
CA LEU A 331 -15.33 -11.42 -15.98
C LEU A 331 -14.71 -10.14 -16.50
N ILE A 332 -15.06 -9.01 -15.89
CA ILE A 332 -14.55 -7.73 -16.35
C ILE A 332 -13.04 -7.66 -16.14
N SER A 333 -12.56 -8.16 -15.02
CA SER A 333 -11.13 -8.10 -14.74
C SER A 333 -10.33 -9.03 -15.66
N VAL A 334 -10.84 -10.25 -15.90
CA VAL A 334 -10.21 -11.16 -16.89
C VAL A 334 -10.20 -10.53 -18.29
N TRP A 335 -11.25 -9.81 -18.63
CA TRP A 335 -11.30 -9.11 -19.89
C TRP A 335 -10.21 -8.07 -19.97
N ASN A 336 -10.11 -7.22 -18.96
CA ASN A 336 -9.06 -6.20 -18.95
C ASN A 336 -7.65 -6.80 -18.92
N ALA A 337 -7.43 -7.81 -18.08
CA ALA A 337 -6.07 -8.37 -17.86
C ALA A 337 -5.64 -9.30 -18.99
N THR A 338 -6.46 -10.29 -19.29
CA THR A 338 -6.05 -11.34 -20.24
C THR A 338 -6.25 -10.90 -21.68
N PHE A 339 -7.35 -10.23 -21.98
CA PHE A 339 -7.65 -9.87 -23.37
C PHE A 339 -7.06 -8.53 -23.75
N PHE A 340 -7.11 -7.56 -22.84
CA PHE A 340 -6.56 -6.22 -23.13
C PHE A 340 -5.14 -6.06 -22.61
N GLY A 341 -4.61 -7.05 -21.88
CA GLY A 341 -3.22 -6.99 -21.41
C GLY A 341 -2.94 -6.01 -20.26
N TYR A 342 -3.95 -5.49 -19.58
CA TYR A 342 -3.69 -4.60 -18.41
C TYR A 342 -3.33 -5.37 -17.15
N SER A 343 -2.09 -5.22 -16.69
CA SER A 343 -1.54 -6.05 -15.63
C SER A 343 -1.95 -5.68 -14.20
N ASN A 344 -2.41 -4.43 -13.99
CA ASN A 344 -2.72 -3.87 -12.68
C ASN A 344 -4.19 -3.52 -12.49
N VAL A 345 -4.62 -3.52 -11.22
CA VAL A 345 -5.92 -3.01 -10.83
C VAL A 345 -5.75 -2.08 -9.63
N ALA A 346 -6.34 -0.90 -9.74
CA ALA A 346 -6.28 0.07 -8.64
C ALA A 346 -7.55 -0.03 -7.77
N VAL A 347 -7.36 -0.34 -6.49
CA VAL A 347 -8.47 -0.46 -5.55
C VAL A 347 -8.59 0.84 -4.72
N LEU A 348 -9.68 1.54 -4.93
CA LEU A 348 -9.81 2.96 -4.56
C LEU A 348 -11.08 3.22 -3.74
N PRO A 349 -11.03 2.87 -2.44
CA PRO A 349 -12.10 3.16 -1.54
C PRO A 349 -12.09 4.62 -1.10
N TYR A 350 -13.19 5.31 -1.39
CA TYR A 350 -13.42 6.68 -0.94
C TYR A 350 -13.96 6.70 0.50
N ALA A 351 -13.10 6.22 1.41
CA ALA A 351 -13.43 6.04 2.80
C ALA A 351 -12.13 5.90 3.59
N GLN A 352 -11.85 6.83 4.50
CA GLN A 352 -10.67 6.73 5.36
C GLN A 352 -10.78 5.50 6.24
N ALA A 353 -12.00 5.13 6.59
CA ALA A 353 -12.24 3.91 7.35
C ALA A 353 -11.59 2.68 6.67
N LEU A 354 -11.56 2.66 5.35
CA LEU A 354 -11.03 1.53 4.55
C LEU A 354 -9.57 1.73 4.15
N LEU A 355 -8.85 2.54 4.93
CA LEU A 355 -7.37 2.70 4.78
C LEU A 355 -6.60 1.43 4.48
N ARG A 356 -6.99 0.31 5.11
CA ARG A 356 -6.23 -0.92 4.94
C ARG A 356 -6.95 -2.01 4.14
N PHE A 357 -8.02 -1.62 3.46
CA PHE A 357 -8.72 -2.51 2.57
C PHE A 357 -7.86 -2.89 1.35
N PRO A 358 -7.20 -1.90 0.69
CA PRO A 358 -6.40 -2.29 -0.45
C PRO A 358 -5.31 -3.28 -0.06
N ALA A 359 -4.63 -3.03 1.07
CA ALA A 359 -3.60 -3.95 1.57
C ALA A 359 -4.13 -5.40 1.72
N HIS A 360 -5.38 -5.57 2.19
CA HIS A 360 -5.94 -6.93 2.31
C HIS A 360 -6.29 -7.50 0.95
N ILE A 361 -6.88 -6.68 0.06
CA ILE A 361 -7.21 -7.12 -1.29
C ILE A 361 -5.97 -7.51 -2.11
N GLN A 362 -4.84 -6.86 -1.82
CA GLN A 362 -3.58 -7.17 -2.44
C GLN A 362 -3.16 -8.62 -2.14
N GLN A 363 -3.23 -9.06 -0.89
CA GLN A 363 -2.94 -10.48 -0.63
C GLN A 363 -3.96 -11.42 -1.29
N LEU A 364 -5.23 -11.14 -1.05
CA LEU A 364 -6.32 -11.97 -1.50
C LEU A 364 -6.21 -12.24 -3.00
N THR A 365 -5.94 -11.19 -3.77
CA THR A 365 -5.84 -11.29 -5.22
C THR A 365 -4.51 -11.89 -5.61
N MET A 366 -3.42 -11.33 -5.12
CA MET A 366 -2.13 -11.71 -5.67
C MET A 366 -1.67 -13.09 -5.21
N GLU A 367 -1.95 -13.42 -3.97
CA GLU A 367 -1.53 -14.73 -3.49
C GLU A 367 -2.47 -15.83 -4.01
N SER A 368 -3.73 -15.51 -4.26
CA SER A 368 -4.62 -16.50 -4.88
C SER A 368 -4.26 -16.83 -6.36
N ASN A 369 -4.09 -15.77 -7.16
CA ASN A 369 -4.08 -15.93 -8.63
C ASN A 369 -2.75 -15.62 -9.30
N GLY A 370 -1.74 -15.32 -8.50
CA GLY A 370 -0.37 -15.15 -9.00
C GLY A 370 0.29 -16.51 -9.22
N LYS A 371 -0.22 -17.23 -10.21
CA LYS A 371 0.20 -18.60 -10.50
C LYS A 371 0.58 -18.69 -12.02
N ARG A 372 1.29 -19.77 -12.34
CA ARG A 372 1.84 -20.04 -13.67
C ARG A 372 1.48 -21.40 -14.23
N VAL A 373 0.71 -22.19 -13.50
CA VAL A 373 0.23 -23.49 -13.98
C VAL A 373 -1.26 -23.64 -13.62
N THR A 374 -1.94 -24.51 -14.36
CA THR A 374 -3.36 -24.80 -14.12
C THR A 374 -3.44 -25.71 -12.94
N MET A 375 -4.66 -25.97 -12.49
CA MET A 375 -4.91 -26.90 -11.39
C MET A 375 -4.25 -28.24 -11.68
N ASP A 376 -4.32 -28.67 -12.95
CA ASP A 376 -3.81 -30.00 -13.31
C ASP A 376 -2.34 -29.96 -13.72
N GLY A 377 -1.63 -28.88 -13.43
CA GLY A 377 -0.21 -28.77 -13.72
C GLY A 377 0.25 -28.38 -15.12
N LYS A 378 -0.62 -27.91 -16.00
CA LYS A 378 -0.18 -27.44 -17.35
C LYS A 378 0.35 -26.00 -17.28
N THR A 379 1.48 -25.74 -17.91
CA THR A 379 2.04 -24.38 -18.02
C THR A 379 1.13 -23.44 -18.81
N LEU A 380 0.77 -22.32 -18.21
CA LEU A 380 -0.05 -21.33 -18.92
C LEU A 380 0.86 -20.57 -19.88
N ASP A 381 0.39 -20.27 -21.09
CA ASP A 381 1.21 -19.48 -22.04
C ASP A 381 1.12 -17.96 -21.79
N PHE A 382 0.44 -17.56 -20.72
CA PHE A 382 0.17 -16.15 -20.48
C PHE A 382 0.12 -15.88 -19.00
N ASP A 383 0.37 -14.62 -18.64
CA ASP A 383 0.28 -14.17 -17.27
C ASP A 383 -1.19 -14.14 -16.82
N VAL A 384 -1.46 -14.51 -15.57
CA VAL A 384 -2.84 -14.55 -15.07
C VAL A 384 -3.12 -13.45 -14.03
N GLY A 385 -3.04 -13.75 -12.73
CA GLY A 385 -3.39 -12.80 -11.65
C GLY A 385 -2.77 -11.41 -11.82
N GLU A 386 -3.63 -10.41 -11.66
CA GLU A 386 -3.26 -8.99 -11.75
C GLU A 386 -2.52 -8.58 -10.51
N ILE A 387 -1.82 -7.47 -10.61
CA ILE A 387 -1.19 -6.79 -9.50
C ILE A 387 -2.24 -5.80 -8.95
N PHE A 388 -2.64 -6.00 -7.71
CA PHE A 388 -3.58 -5.09 -7.07
C PHE A 388 -2.85 -4.19 -6.10
N PHE A 389 -3.23 -2.93 -6.07
CA PHE A 389 -2.68 -1.97 -5.10
C PHE A 389 -3.70 -0.86 -4.89
N GLY A 390 -3.41 0.02 -3.94
CA GLY A 390 -4.30 1.15 -3.73
C GLY A 390 -4.16 1.88 -2.42
N GLU A 391 -4.83 3.03 -2.36
CA GLU A 391 -4.95 3.84 -1.19
C GLU A 391 -6.37 4.42 -1.23
N PRO A 392 -6.89 4.81 -0.08
CA PRO A 392 -8.20 5.43 -0.15
C PRO A 392 -8.21 6.79 -0.86
N GLY A 393 -9.35 7.11 -1.46
CA GLY A 393 -9.59 8.44 -1.97
C GLY A 393 -10.11 9.34 -0.86
N THR A 394 -9.87 10.64 -0.95
CA THR A 394 -9.21 11.31 -2.05
C THR A 394 -7.69 11.23 -2.03
N ASN A 395 -7.11 10.68 -0.96
CA ASN A 395 -5.65 10.62 -0.80
C ASN A 395 -4.90 10.28 -2.09
N GLY A 396 -5.29 9.16 -2.70
CA GLY A 396 -4.61 8.64 -3.86
C GLY A 396 -4.54 9.58 -5.04
N GLN A 397 -5.50 10.49 -5.10
CA GLN A 397 -5.57 11.48 -6.19
C GLN A 397 -4.37 12.38 -6.21
N HIS A 398 -3.75 12.53 -5.04
CA HIS A 398 -2.58 13.38 -4.85
C HIS A 398 -1.33 12.54 -4.74
N SER A 399 -1.42 11.26 -5.11
CA SER A 399 -0.26 10.37 -5.03
C SER A 399 0.11 9.75 -6.36
N PHE A 400 -0.78 8.94 -6.91
CA PHE A 400 -0.52 8.20 -8.12
C PHE A 400 -1.55 8.40 -9.23
N TYR A 401 -2.62 9.13 -8.98
CA TYR A 401 -3.62 9.27 -10.05
C TYR A 401 -3.06 9.95 -11.31
N GLN A 402 -2.07 10.83 -11.17
CA GLN A 402 -1.35 11.41 -12.34
C GLN A 402 -1.03 10.32 -13.34
N LEU A 403 -0.47 9.21 -12.87
CA LEU A 403 -0.10 8.10 -13.75
C LEU A 403 -1.35 7.42 -14.33
N ILE A 404 -2.36 7.19 -13.47
CA ILE A 404 -3.59 6.54 -13.93
C ILE A 404 -4.29 7.32 -15.05
N HIS A 405 -4.22 8.66 -14.98
CA HIS A 405 -4.80 9.54 -16.01
C HIS A 405 -3.97 9.72 -17.27
N GLN A 406 -2.67 9.95 -17.12
CA GLN A 406 -1.83 10.30 -18.31
C GLN A 406 -0.73 9.29 -18.65
N GLY A 407 -0.55 8.28 -17.82
CA GLY A 407 0.47 7.26 -18.04
C GLY A 407 -0.13 5.92 -18.38
N ARG A 408 0.48 4.86 -17.87
CA ARG A 408 -0.01 3.51 -18.10
C ARG A 408 -1.48 3.35 -17.71
N VAL A 409 -2.24 2.62 -18.53
CA VAL A 409 -3.62 2.34 -18.21
C VAL A 409 -3.70 1.39 -17.01
N ILE A 410 -4.47 1.79 -15.99
CA ILE A 410 -4.71 0.93 -14.85
C ILE A 410 -6.22 0.88 -14.58
N PRO A 411 -6.90 -0.20 -15.01
CA PRO A 411 -8.32 -0.29 -14.62
C PRO A 411 -8.51 -0.05 -13.12
N ALA A 412 -9.55 0.74 -12.78
CA ALA A 412 -9.74 1.23 -11.41
C ALA A 412 -11.07 0.67 -10.88
N GLU A 413 -11.13 0.47 -9.58
CA GLU A 413 -12.33 0.03 -8.90
C GLU A 413 -12.61 1.04 -7.78
N PHE A 414 -13.60 1.88 -7.99
CA PHE A 414 -13.98 2.91 -7.03
C PHE A 414 -15.06 2.35 -6.12
N ILE A 415 -14.86 2.50 -4.82
CA ILE A 415 -15.77 1.99 -3.82
C ILE A 415 -16.19 3.14 -2.94
N GLY A 416 -17.48 3.32 -2.79
CA GLY A 416 -17.97 4.42 -1.99
C GLY A 416 -19.17 4.04 -1.15
N PHE A 417 -19.57 4.97 -0.29
CA PHE A 417 -20.64 4.79 0.67
C PHE A 417 -21.48 6.03 0.70
N CYS A 418 -22.79 5.82 0.87
CA CYS A 418 -23.75 6.91 0.76
C CYS A 418 -23.79 7.83 1.97
N LYS A 419 -23.47 7.27 3.13
CA LYS A 419 -23.53 7.97 4.40
C LYS A 419 -22.18 7.86 5.13
N SER A 420 -21.91 8.90 5.91
CA SER A 420 -20.65 9.01 6.65
C SER A 420 -20.79 8.40 8.04
N GLN A 421 -19.73 7.77 8.51
CA GLN A 421 -19.68 7.36 9.91
C GLN A 421 -19.64 8.53 10.86
N ARG A 422 -19.10 9.67 10.42
CA ARG A 422 -18.98 10.86 11.29
C ARG A 422 -19.24 12.12 10.51
N ALA A 423 -20.49 12.32 10.13
CA ALA A 423 -20.86 13.45 9.25
C ALA A 423 -20.45 14.81 9.83
N ILE A 424 -19.99 15.72 8.96
CA ILE A 424 -19.86 17.13 9.35
C ILE A 424 -20.56 17.98 8.30
N LYS A 425 -21.32 18.96 8.74
CA LYS A 425 -21.82 19.98 7.82
C LYS A 425 -21.70 21.32 8.54
N LEU A 426 -20.74 22.13 8.13
CA LEU A 426 -20.63 23.45 8.71
C LEU A 426 -21.70 24.36 8.04
N LYS A 427 -22.43 25.11 8.88
CA LYS A 427 -23.32 26.26 8.49
C LYS A 427 -22.90 27.15 7.29
N GLU A 428 -21.63 27.52 7.19
CA GLU A 428 -21.14 28.41 6.14
C GLU A 428 -20.78 27.64 4.88
N GLU A 429 -20.66 26.32 5.02
CA GLU A 429 -20.19 25.49 3.94
C GLU A 429 -21.30 25.19 2.96
N PRO A 430 -21.04 25.38 1.65
CA PRO A 430 -21.96 24.94 0.61
C PRO A 430 -22.36 23.46 0.69
N VAL A 431 -21.40 22.58 0.98
CA VAL A 431 -21.72 21.15 1.04
C VAL A 431 -21.14 20.48 2.28
N SER A 432 -21.72 19.35 2.64
CA SER A 432 -21.24 18.57 3.78
C SER A 432 -19.86 18.05 3.39
N ASN A 433 -19.00 17.76 4.37
CA ASN A 433 -17.70 17.19 4.05
C ASN A 433 -17.79 15.87 3.27
N HIS A 434 -18.76 15.03 3.62
CA HIS A 434 -18.97 13.80 2.87
C HIS A 434 -19.33 14.05 1.41
N ASP A 435 -20.11 15.10 1.15
CA ASP A 435 -20.51 15.40 -0.21
C ASP A 435 -19.29 15.88 -1.00
N GLU A 436 -18.43 16.66 -0.34
CA GLU A 436 -17.17 17.09 -0.92
C GLU A 436 -16.34 15.88 -1.29
N LEU A 437 -16.22 14.96 -0.35
CA LEU A 437 -15.55 13.68 -0.61
C LEU A 437 -16.11 13.04 -1.86
N MET A 438 -17.43 12.88 -1.87
CA MET A 438 -18.12 12.14 -2.91
C MET A 438 -18.17 12.88 -4.25
N SER A 439 -18.03 14.20 -4.24
CA SER A 439 -17.90 14.93 -5.51
C SER A 439 -16.73 14.35 -6.28
N ASN A 440 -15.71 13.87 -5.56
CA ASN A 440 -14.53 13.29 -6.19
C ASN A 440 -14.77 11.86 -6.70
N PHE A 441 -15.42 11.05 -5.87
CA PHE A 441 -15.83 9.72 -6.24
C PHE A 441 -16.58 9.71 -7.54
N PHE A 442 -17.55 10.60 -7.72
CA PHE A 442 -18.35 10.65 -8.97
C PHE A 442 -17.61 11.26 -10.18
N ALA A 443 -16.68 12.17 -9.92
CA ALA A 443 -15.96 12.90 -10.98
C ALA A 443 -14.80 12.10 -11.58
N GLN A 444 -14.03 11.41 -10.75
CA GLN A 444 -12.86 10.67 -11.26
C GLN A 444 -13.15 9.60 -12.35
N PRO A 445 -14.18 8.74 -12.19
CA PRO A 445 -14.39 7.76 -13.28
C PRO A 445 -14.74 8.42 -14.63
N ASP A 446 -15.47 9.53 -14.59
CA ASP A 446 -15.83 10.21 -15.84
C ASP A 446 -14.60 10.87 -16.44
N ALA A 447 -13.74 11.41 -15.59
CA ALA A 447 -12.49 11.97 -16.07
C ALA A 447 -11.67 10.87 -16.79
N LEU A 448 -11.55 9.70 -16.18
CA LEU A 448 -10.82 8.59 -16.77
C LEU A 448 -11.43 8.13 -18.10
N ALA A 449 -12.77 8.13 -18.19
CA ALA A 449 -13.44 7.60 -19.40
C ALA A 449 -13.37 8.60 -20.53
N PHE A 450 -13.75 9.84 -20.25
CA PHE A 450 -13.98 10.84 -21.27
C PHE A 450 -12.73 11.60 -21.69
N GLY A 451 -11.88 11.92 -20.73
CA GLY A 451 -10.63 12.62 -21.01
C GLY A 451 -10.93 14.02 -21.45
N LYS A 452 -9.97 14.60 -22.15
CA LYS A 452 -10.07 15.95 -22.63
C LYS A 452 -9.13 16.02 -23.79
N THR A 453 -9.66 16.43 -24.94
CA THR A 453 -8.93 16.38 -26.19
C THR A 453 -8.23 17.70 -26.46
N PRO A 454 -7.24 17.68 -27.36
CA PRO A 454 -6.57 18.92 -27.77
C PRO A 454 -7.56 20.00 -28.25
N GLU A 455 -8.54 19.56 -29.03
CA GLU A 455 -9.60 20.45 -29.53
C GLU A 455 -10.26 21.23 -28.39
N GLU A 456 -10.65 20.53 -27.33
CA GLU A 456 -11.33 21.14 -26.19
C GLU A 456 -10.37 22.09 -25.48
N LEU A 457 -9.13 21.66 -25.34
CA LEU A 457 -8.11 22.51 -24.69
C LEU A 457 -7.94 23.84 -25.44
N ARG A 458 -7.79 23.77 -26.76
CA ARG A 458 -7.73 24.99 -27.60
C ARG A 458 -8.92 25.91 -27.36
N LYS A 459 -10.15 25.38 -27.43
CA LYS A 459 -11.38 26.17 -27.21
C LYS A 459 -11.32 26.83 -25.85
N GLU A 460 -10.80 26.11 -24.86
CA GLU A 460 -10.57 26.70 -23.55
C GLU A 460 -9.49 27.77 -23.55
N GLY A 461 -8.67 27.84 -24.60
CA GLY A 461 -7.64 28.90 -24.73
C GLY A 461 -6.30 28.52 -24.11
N ILE A 462 -6.03 27.21 -24.02
CA ILE A 462 -4.73 26.72 -23.56
C ILE A 462 -3.70 27.00 -24.67
N PRO A 463 -2.53 27.57 -24.33
CA PRO A 463 -1.59 27.82 -25.41
C PRO A 463 -1.07 26.53 -26.01
N GLU A 464 -0.68 26.60 -27.28
CA GLU A 464 -0.39 25.41 -28.03
C GLU A 464 0.78 24.61 -27.43
N LYS A 465 1.79 25.34 -26.91
CA LYS A 465 2.93 24.76 -26.18
C LYS A 465 2.54 23.83 -25.02
N LEU A 466 1.43 24.13 -24.35
CA LEU A 466 0.97 23.38 -23.15
C LEU A 466 -0.13 22.33 -23.45
N VAL A 467 -0.70 22.39 -24.65
CA VAL A 467 -1.75 21.45 -25.08
C VAL A 467 -1.39 19.98 -24.92
N PRO A 468 -0.22 19.56 -25.44
CA PRO A 468 0.11 18.13 -25.24
C PRO A 468 0.26 17.73 -23.76
N HIS A 469 0.75 18.66 -22.96
CA HIS A 469 1.03 18.37 -21.55
C HIS A 469 -0.23 18.24 -20.76
N LYS A 470 -1.28 18.91 -21.23
CA LYS A 470 -2.56 18.94 -20.56
C LYS A 470 -3.62 18.04 -21.24
N THR A 471 -3.20 17.28 -22.24
CA THR A 471 -4.11 16.36 -22.92
C THR A 471 -4.40 15.19 -22.03
N PHE A 472 -5.66 14.80 -22.03
CA PHE A 472 -6.14 13.65 -21.32
C PHE A 472 -6.75 12.69 -22.33
N PRO A 473 -6.00 11.63 -22.75
CA PRO A 473 -6.53 10.67 -23.75
C PRO A 473 -7.85 9.99 -23.37
N GLY A 474 -8.11 9.85 -22.08
CA GLY A 474 -9.26 9.08 -21.62
C GLY A 474 -9.25 7.62 -22.05
N ASP A 475 -10.42 7.01 -22.16
CA ASP A 475 -10.58 5.61 -22.58
C ASP A 475 -10.11 4.64 -21.49
N ARG A 476 -10.07 5.10 -20.24
CA ARG A 476 -9.51 4.33 -19.15
C ARG A 476 -10.66 3.78 -18.31
N PRO A 477 -10.72 2.46 -18.19
CA PRO A 477 -11.88 1.84 -17.59
C PRO A 477 -11.97 1.91 -16.07
N SER A 478 -13.20 1.86 -15.58
CA SER A 478 -13.44 1.83 -14.12
C SER A 478 -14.78 1.19 -13.81
N CYS A 479 -14.87 0.62 -12.62
CA CYS A 479 -16.12 0.18 -12.00
C CYS A 479 -16.36 1.08 -10.81
N MET A 480 -17.64 1.30 -10.51
CA MET A 480 -18.06 2.04 -9.36
C MET A 480 -18.96 1.12 -8.54
N LEU A 481 -18.56 0.88 -7.30
CA LEU A 481 -19.33 0.16 -6.31
C LEU A 481 -19.76 1.15 -5.28
N LEU A 482 -21.03 1.12 -4.90
CA LEU A 482 -21.56 2.05 -3.92
C LEU A 482 -22.53 1.37 -2.96
N PHE A 483 -22.24 1.49 -1.66
CA PHE A 483 -23.01 0.88 -0.59
C PHE A 483 -23.72 1.95 0.23
N PRO A 484 -24.75 1.57 1.01
CA PRO A 484 -25.43 2.57 1.81
C PRO A 484 -24.54 3.29 2.86
N GLU A 485 -23.73 2.54 3.57
CA GLU A 485 -22.94 3.05 4.69
C GLU A 485 -21.96 1.96 5.14
N ILE A 486 -21.00 2.38 5.97
CA ILE A 486 -19.95 1.51 6.51
C ILE A 486 -20.39 0.90 7.84
N SER A 487 -21.26 -0.09 7.71
CA SER A 487 -21.73 -0.89 8.80
C SER A 487 -20.96 -2.20 8.80
N PRO A 488 -20.93 -2.93 9.92
CA PRO A 488 -20.40 -4.29 9.91
C PRO A 488 -20.98 -5.13 8.76
N PHE A 489 -22.25 -4.93 8.44
CA PHE A 489 -22.92 -5.78 7.45
C PHE A 489 -22.36 -5.51 6.07
N HIS A 490 -22.24 -4.23 5.72
CA HIS A 490 -21.72 -3.87 4.42
C HIS A 490 -20.24 -4.14 4.27
N ILE A 491 -19.50 -4.14 5.38
CA ILE A 491 -18.10 -4.55 5.36
CA ILE A 491 -18.10 -4.55 5.35
C ILE A 491 -18.02 -6.05 5.03
N GLY A 492 -18.92 -6.84 5.63
CA GLY A 492 -18.98 -8.26 5.31
C GLY A 492 -19.33 -8.54 3.85
N GLN A 493 -20.31 -7.80 3.34
CA GLN A 493 -20.73 -7.93 1.94
C GLN A 493 -19.52 -7.62 1.04
N LEU A 494 -18.81 -6.53 1.33
CA LEU A 494 -17.72 -6.10 0.45
C LEU A 494 -16.59 -7.13 0.44
N LEU A 495 -16.26 -7.62 1.64
CA LEU A 495 -15.30 -8.68 1.79
C LEU A 495 -15.66 -9.88 0.92
N ALA A 496 -16.88 -10.40 1.09
CA ALA A 496 -17.30 -11.61 0.42
C ALA A 496 -17.36 -11.39 -1.06
N LEU A 497 -17.70 -10.18 -1.48
CA LEU A 497 -17.75 -9.88 -2.89
C LEU A 497 -16.37 -10.10 -3.53
N TYR A 498 -15.33 -9.55 -2.91
CA TYR A 498 -13.96 -9.70 -3.42
C TYR A 498 -13.45 -11.14 -3.28
N GLU A 499 -13.81 -11.79 -2.17
CA GLU A 499 -13.46 -13.22 -1.98
C GLU A 499 -13.97 -14.05 -3.16
N HIS A 500 -15.21 -13.81 -3.55
CA HIS A 500 -15.78 -14.60 -4.66
C HIS A 500 -15.29 -14.19 -6.03
N ARG A 501 -15.05 -12.91 -6.23
CA ARG A 501 -14.56 -12.43 -7.50
C ARG A 501 -13.18 -13.05 -7.76
N VAL A 502 -12.34 -13.13 -6.72
CA VAL A 502 -11.00 -13.76 -6.88
C VAL A 502 -11.17 -15.22 -7.33
N ALA A 503 -12.09 -15.93 -6.68
CA ALA A 503 -12.43 -17.30 -7.04
C ALA A 503 -12.87 -17.37 -8.50
N VAL A 504 -13.71 -16.44 -8.92
CA VAL A 504 -14.25 -16.48 -10.29
C VAL A 504 -13.11 -16.40 -11.33
N GLU A 505 -12.23 -15.42 -11.15
CA GLU A 505 -11.08 -15.27 -12.01
C GLU A 505 -10.20 -16.52 -12.07
N GLY A 506 -9.89 -17.10 -10.92
CA GLY A 506 -9.13 -18.35 -10.85
C GLY A 506 -9.77 -19.50 -11.63
N TRP A 507 -11.09 -19.63 -11.50
CA TRP A 507 -11.84 -20.59 -12.27
C TRP A 507 -11.90 -20.29 -13.75
N LEU A 508 -12.06 -19.02 -14.13
CA LEU A 508 -11.97 -18.66 -15.55
C LEU A 508 -10.64 -19.12 -16.17
N TRP A 509 -9.57 -18.97 -15.43
CA TRP A 509 -8.26 -19.31 -15.94
C TRP A 509 -7.93 -20.77 -15.76
N GLY A 510 -8.58 -21.46 -14.83
CA GLY A 510 -8.26 -22.87 -14.54
C GLY A 510 -7.11 -23.11 -13.57
N ILE A 511 -6.81 -22.12 -12.72
CA ILE A 511 -5.73 -22.23 -11.77
C ILE A 511 -6.32 -22.59 -10.42
N ASN A 512 -5.43 -22.82 -9.45
CA ASN A 512 -5.83 -23.01 -8.08
C ASN A 512 -5.69 -21.71 -7.30
N SER A 513 -6.82 -21.12 -6.91
CA SER A 513 -6.79 -19.87 -6.20
C SER A 513 -6.47 -20.08 -4.74
N PHE A 514 -6.33 -21.32 -4.30
CA PHE A 514 -6.42 -21.65 -2.89
C PHE A 514 -5.17 -22.24 -2.27
N ASP A 515 -4.15 -22.47 -3.12
CA ASP A 515 -2.85 -22.90 -2.60
C ASP A 515 -1.86 -21.75 -2.64
N GLN A 516 -0.67 -21.92 -2.09
CA GLN A 516 0.37 -20.89 -2.23
C GLN A 516 1.78 -21.49 -2.08
N TRP A 517 2.16 -22.29 -3.08
CA TRP A 517 3.43 -23.02 -3.07
C TRP A 517 4.60 -22.07 -3.27
N GLY A 518 4.27 -20.89 -3.81
CA GLY A 518 5.26 -19.89 -4.16
C GLY A 518 5.96 -19.22 -2.98
N VAL A 519 5.51 -19.49 -1.76
CA VAL A 519 6.13 -18.86 -0.56
C VAL A 519 7.16 -19.75 0.11
N GLU A 520 7.25 -20.98 -0.34
CA GLU A 520 8.05 -21.98 0.33
C GLU A 520 9.55 -21.77 0.16
N LEU A 521 9.96 -21.41 -1.05
CA LEU A 521 11.39 -21.35 -1.34
C LEU A 521 12.07 -20.32 -0.45
N GLY A 522 11.51 -19.11 -0.38
CA GLY A 522 11.99 -18.10 0.56
C GLY A 522 12.18 -18.60 1.97
N LYS A 523 11.21 -19.38 2.46
CA LYS A 523 11.25 -19.82 3.85
C LYS A 523 12.41 -20.76 4.02
N VAL A 524 12.56 -21.68 3.08
CA VAL A 524 13.67 -22.66 3.15
C VAL A 524 15.03 -21.96 3.08
N LEU A 525 15.17 -21.02 2.18
CA LEU A 525 16.46 -20.38 2.05
C LEU A 525 16.78 -19.49 3.26
N ALA A 526 15.76 -18.91 3.88
CA ALA A 526 15.98 -18.00 5.00
C ALA A 526 16.44 -18.82 6.22
N LYS A 527 15.84 -19.99 6.41
CA LYS A 527 16.29 -20.96 7.43
C LYS A 527 17.77 -21.33 7.27
N GLY A 528 18.23 -21.47 6.04
CA GLY A 528 19.66 -21.73 5.79
C GLY A 528 20.50 -20.53 6.19
N VAL A 529 20.04 -19.32 5.87
CA VAL A 529 20.79 -18.11 6.22
C VAL A 529 20.77 -17.91 7.71
N ARG A 530 19.65 -18.23 8.36
CA ARG A 530 19.57 -18.16 9.81
C ARG A 530 20.74 -18.96 10.40
N GLY A 531 20.93 -20.18 9.90
CA GLY A 531 21.98 -21.07 10.40
C GLY A 531 23.37 -20.52 10.22
N ILE A 532 23.59 -19.91 9.05
CA ILE A 532 24.86 -19.29 8.76
C ILE A 532 25.11 -18.13 9.73
N LEU A 533 24.09 -17.29 9.96
CA LEU A 533 24.26 -16.13 10.81
C LEU A 533 24.57 -16.61 12.23
N GLN A 534 23.84 -17.64 12.69
CA GLN A 534 24.11 -18.15 14.01
C GLN A 534 25.59 -18.52 14.17
N LYS A 535 26.12 -19.27 13.21
CA LYS A 535 27.50 -19.71 13.30
C LYS A 535 28.47 -18.54 13.34
N ARG A 536 28.22 -17.49 12.54
CA ARG A 536 29.14 -16.35 12.54
C ARG A 536 29.06 -15.63 13.89
N ARG A 537 27.84 -15.50 14.44
CA ARG A 537 27.67 -14.85 15.73
C ARG A 537 28.34 -15.66 16.83
N GLU A 538 28.30 -16.98 16.72
CA GLU A 538 29.07 -17.86 17.61
C GLU A 538 30.58 -17.78 17.43
N GLY A 539 31.05 -17.10 16.38
CA GLY A 539 32.50 -16.91 16.17
C GLY A 539 33.15 -17.86 15.17
N LYS A 540 32.37 -18.66 14.45
CA LYS A 540 32.90 -19.48 13.36
C LYS A 540 33.34 -18.64 12.19
N ALA A 541 34.31 -19.13 11.43
CA ALA A 541 34.81 -18.44 10.27
C ALA A 541 33.89 -18.67 9.09
N PRO A 542 34.01 -17.83 8.05
CA PRO A 542 33.18 -17.96 6.84
C PRO A 542 33.26 -19.36 6.21
N HIS A 543 34.45 -19.96 6.17
CA HIS A 543 34.57 -21.33 5.63
C HIS A 543 33.87 -22.31 6.51
N GLU A 544 33.65 -21.96 7.78
CA GLU A 544 33.00 -22.84 8.73
C GLU A 544 31.49 -22.67 8.86
N SER A 545 30.94 -21.60 8.31
CA SER A 545 29.56 -21.17 8.59
C SER A 545 28.52 -21.75 7.64
N GLY A 546 28.96 -22.23 6.49
CA GLY A 546 28.08 -22.70 5.44
C GLY A 546 27.86 -21.65 4.35
N GLN A 547 28.37 -20.45 4.55
CA GLN A 547 28.13 -19.37 3.60
C GLN A 547 28.86 -19.55 2.27
N SER A 548 29.92 -20.36 2.26
CA SER A 548 30.67 -20.55 1.04
C SER A 548 29.85 -21.26 -0.06
N GLU A 549 28.77 -21.94 0.32
CA GLU A 549 27.89 -22.55 -0.70
C GLU A 549 26.94 -21.54 -1.37
N LEU A 550 26.83 -20.31 -0.83
CA LEU A 550 26.00 -19.25 -1.43
C LEU A 550 26.74 -18.47 -2.54
N CYS A 551 25.98 -17.81 -3.42
CA CYS A 551 26.61 -17.09 -4.53
C CYS A 551 27.46 -15.93 -4.02
N SER A 552 28.35 -15.44 -4.88
CA SER A 552 29.36 -14.47 -4.43
C SER A 552 28.72 -13.17 -3.92
N SER A 553 27.64 -12.73 -4.55
CA SER A 553 26.93 -11.54 -4.10
C SER A 553 26.47 -11.63 -2.65
N THR A 554 25.83 -12.74 -2.32
CA THR A 554 25.33 -12.95 -0.99
C THR A 554 26.45 -13.12 -0.01
N ARG A 555 27.51 -13.82 -0.41
CA ARG A 555 28.73 -13.90 0.41
C ARG A 555 29.23 -12.54 0.87
N LYS A 556 29.42 -11.63 -0.08
CA LYS A 556 29.97 -10.31 0.19
C LYS A 556 29.04 -9.45 1.05
N ILE A 557 27.76 -9.44 0.73
CA ILE A 557 26.81 -8.58 1.48
C ILE A 557 26.58 -9.12 2.90
N LEU A 558 26.53 -10.44 3.05
CA LEU A 558 26.49 -11.04 4.40
C LEU A 558 27.69 -10.59 5.22
N GLU A 559 28.87 -10.66 4.61
CA GLU A 559 30.09 -10.31 5.30
C GLU A 559 30.06 -8.84 5.71
N HIS A 560 29.57 -7.98 4.82
CA HIS A 560 29.42 -6.57 5.14
C HIS A 560 28.50 -6.42 6.32
N TYR A 561 27.43 -7.22 6.34
CA TYR A 561 26.41 -7.12 7.35
C TYR A 561 26.96 -7.55 8.69
N VAL A 562 27.61 -8.72 8.71
CA VAL A 562 28.25 -9.20 9.92
C VAL A 562 29.28 -8.18 10.40
N GLN A 563 30.12 -7.68 9.53
CA GLN A 563 31.14 -6.72 9.98
C GLN A 563 30.54 -5.44 10.56
N GLN A 564 29.49 -4.90 9.94
CA GLN A 564 28.82 -3.70 10.42
C GLN A 564 27.97 -3.90 11.67
N SER A 565 27.64 -5.15 12.00
CA SER A 565 26.79 -5.51 13.14
CA SER A 565 26.81 -5.43 13.17
C SER A 565 27.57 -6.08 14.32
N LYS A 566 28.78 -6.59 14.09
CA LYS A 566 29.55 -7.26 15.16
C LYS A 566 29.79 -6.27 16.30
N GLN B 9 16.58 12.54 -28.71
CA GLN B 9 15.56 11.75 -27.97
C GLN B 9 16.13 10.36 -27.77
N LEU B 10 15.41 9.56 -27.00
CA LEU B 10 15.94 8.30 -26.53
C LEU B 10 16.33 7.38 -27.69
N GLU B 11 15.39 7.16 -28.63
CA GLU B 11 15.60 6.19 -29.72
C GLU B 11 16.71 6.61 -30.65
N GLN B 12 16.96 7.91 -30.73
CA GLN B 12 18.05 8.45 -31.54
C GLN B 12 19.48 8.26 -30.96
N CYS B 13 19.59 7.97 -29.67
CA CYS B 13 20.92 7.68 -29.05
C CYS B 13 21.59 6.41 -29.61
N ALA B 14 22.89 6.44 -29.84
CA ALA B 14 23.61 5.27 -30.37
C ALA B 14 23.42 4.08 -29.46
N SER B 15 23.43 4.30 -28.15
CA SER B 15 23.39 3.20 -27.20
C SER B 15 22.00 2.54 -27.14
N HIS B 16 20.98 3.21 -27.65
CA HIS B 16 19.64 2.63 -27.65
C HIS B 16 19.63 1.44 -28.54
N GLY B 17 20.11 1.62 -29.76
CA GLY B 17 20.22 0.51 -30.70
C GLY B 17 21.01 -0.62 -30.10
N LYS B 18 22.14 -0.28 -29.51
CA LYS B 18 22.98 -1.25 -28.83
C LYS B 18 22.26 -1.98 -27.68
N LEU B 19 21.46 -1.25 -26.92
CA LEU B 19 20.73 -1.84 -25.80
C LEU B 19 19.59 -2.72 -26.28
N LEU B 20 18.97 -2.37 -27.41
CA LEU B 20 17.98 -3.26 -28.05
C LEU B 20 18.58 -4.62 -28.41
N GLN B 21 19.83 -4.67 -28.84
CA GLN B 21 20.48 -5.94 -29.14
C GLN B 21 20.89 -6.65 -27.83
N GLU B 22 21.32 -5.89 -26.82
CA GLU B 22 21.67 -6.49 -25.53
C GLU B 22 20.48 -7.23 -24.96
N LYS B 23 19.30 -6.68 -25.17
CA LYS B 23 18.10 -7.21 -24.58
C LYS B 23 17.82 -8.56 -25.20
N LYS B 24 17.92 -8.65 -26.52
CA LYS B 24 17.76 -9.93 -27.25
C LYS B 24 18.73 -11.00 -26.77
N LYS B 25 19.99 -10.61 -26.52
CA LYS B 25 21.01 -11.55 -26.01
C LYS B 25 20.69 -11.96 -24.59
N LEU B 26 20.36 -10.98 -23.77
CA LEU B 26 20.12 -11.24 -22.34
C LEU B 26 18.85 -12.07 -22.04
N GLU B 27 17.80 -11.94 -22.84
CA GLU B 27 16.59 -12.73 -22.56
C GLU B 27 16.78 -14.22 -22.78
N LYS B 28 17.85 -14.62 -23.48
CA LYS B 28 18.13 -16.04 -23.70
C LYS B 28 18.93 -16.63 -22.54
N LEU B 29 19.46 -15.79 -21.66
CA LEU B 29 20.31 -16.25 -20.56
C LEU B 29 19.56 -16.13 -19.25
N HIS B 30 19.92 -16.97 -18.28
CA HIS B 30 19.28 -17.04 -16.97
C HIS B 30 20.22 -16.51 -15.90
N LEU B 31 19.68 -15.74 -14.94
CA LEU B 31 20.47 -15.17 -13.83
C LEU B 31 21.22 -16.26 -13.10
N ARG B 32 20.67 -17.48 -13.06
CA ARG B 32 21.39 -18.57 -12.41
C ARG B 32 22.72 -18.87 -13.06
N ASP B 33 22.83 -18.61 -14.35
CA ASP B 33 24.11 -18.78 -15.05
C ASP B 33 24.96 -17.52 -14.94
N LEU B 34 24.34 -16.35 -15.11
CA LEU B 34 25.10 -15.11 -15.00
C LEU B 34 25.77 -14.98 -13.62
N LEU B 35 25.08 -15.36 -12.56
CA LEU B 35 25.54 -15.21 -11.19
C LEU B 35 26.65 -16.20 -10.78
N LYS B 36 26.95 -17.17 -11.65
CA LYS B 36 28.15 -18.03 -11.46
C LYS B 36 29.42 -17.23 -11.70
N ASP B 37 29.29 -16.09 -12.35
CA ASP B 37 30.45 -15.35 -12.75
C ASP B 37 30.81 -14.33 -11.67
N GLU B 38 31.80 -14.69 -10.86
CA GLU B 38 32.15 -13.93 -9.70
C GLU B 38 32.81 -12.59 -10.06
N ALA B 39 33.65 -12.56 -11.07
CA ALA B 39 34.25 -11.30 -11.53
C ALA B 39 33.13 -10.32 -11.94
N ARG B 40 32.13 -10.85 -12.63
CA ARG B 40 30.98 -10.07 -13.03
C ARG B 40 30.22 -9.50 -11.80
N ASN B 41 29.80 -10.37 -10.90
CA ASN B 41 29.06 -9.96 -9.72
C ASN B 41 29.81 -8.89 -8.94
N ASP B 42 31.10 -9.13 -8.74
CA ASP B 42 31.96 -8.19 -8.02
C ASP B 42 31.96 -6.76 -8.54
N LEU B 43 31.77 -6.57 -9.85
CA LEU B 43 31.67 -5.24 -10.45
C LEU B 43 30.24 -4.69 -10.50
N LEU B 44 29.29 -5.42 -9.91
CA LEU B 44 27.92 -5.02 -9.87
C LEU B 44 27.53 -4.64 -8.41
N ILE B 45 28.54 -4.24 -7.62
CA ILE B 45 28.40 -3.78 -6.24
C ILE B 45 28.98 -2.37 -6.17
N ARG B 46 28.35 -1.48 -5.40
CA ARG B 46 28.93 -0.18 -5.04
C ARG B 46 28.77 0.01 -3.54
N SER B 47 29.66 0.76 -2.95
CA SER B 47 29.63 0.94 -1.51
C SER B 47 30.22 2.29 -1.16
N THR B 48 29.41 3.22 -0.67
CA THR B 48 29.84 4.60 -0.56
C THR B 48 30.56 4.78 0.75
N ASP B 49 31.25 5.87 0.91
CA ASP B 49 31.93 6.03 2.18
C ASP B 49 31.01 6.55 3.29
N GLN B 50 29.75 6.87 2.99
CA GLN B 50 28.77 7.16 4.06
C GLN B 50 27.86 5.98 4.28
N GLY B 51 28.30 4.79 3.89
CA GLY B 51 27.64 3.57 4.33
C GLY B 51 26.53 2.97 3.49
N VAL B 52 26.34 3.41 2.25
CA VAL B 52 25.27 2.86 1.42
C VAL B 52 25.82 1.81 0.47
N TYR B 53 25.30 0.60 0.61
CA TYR B 53 25.78 -0.57 -0.11
C TYR B 53 24.66 -0.94 -1.10
N LEU B 54 24.99 -0.99 -2.38
CA LEU B 54 24.05 -1.35 -3.41
C LEU B 54 24.56 -2.52 -4.21
N ASP B 55 23.76 -3.57 -4.32
CA ASP B 55 24.15 -4.73 -5.13
C ASP B 55 23.11 -4.88 -6.21
N PHE B 56 23.55 -4.74 -7.47
CA PHE B 56 22.66 -4.94 -8.61
C PHE B 56 23.12 -6.10 -9.49
N SER B 57 23.71 -7.13 -8.88
CA SER B 57 24.20 -8.27 -9.63
C SER B 57 23.05 -9.12 -10.21
N ARG B 58 21.91 -9.13 -9.51
CA ARG B 58 20.73 -9.94 -9.90
C ARG B 58 19.88 -9.20 -10.92
N GLN B 59 20.53 -8.83 -12.01
CA GLN B 59 19.92 -8.08 -13.06
C GLN B 59 20.39 -8.73 -14.36
N LYS B 60 19.57 -8.60 -15.39
CA LYS B 60 19.83 -9.28 -16.64
C LYS B 60 20.72 -8.35 -17.45
N ILE B 61 21.97 -8.28 -17.02
CA ILE B 61 22.99 -7.47 -17.67
C ILE B 61 24.32 -8.22 -17.57
N THR B 62 25.19 -8.00 -18.56
CA THR B 62 26.61 -8.32 -18.47
C THR B 62 27.32 -7.00 -18.20
N LEU B 63 28.63 -7.04 -17.98
CA LEU B 63 29.40 -5.81 -17.86
C LEU B 63 29.34 -4.97 -19.17
N GLU B 64 29.17 -5.65 -20.31
CA GLU B 64 28.95 -4.99 -21.60
C GLU B 64 27.67 -4.15 -21.55
N THR B 65 26.59 -4.79 -21.15
CA THR B 65 25.29 -4.11 -21.06
C THR B 65 25.41 -2.85 -20.20
N LEU B 66 26.07 -2.98 -19.07
CA LEU B 66 26.20 -1.88 -18.13
C LEU B 66 26.94 -0.74 -18.79
N GLN B 67 28.00 -1.06 -19.52
CA GLN B 67 28.75 0.00 -20.22
C GLN B 67 27.84 0.71 -21.16
N HIS B 68 27.00 -0.06 -21.86
CA HIS B 68 26.04 0.51 -22.79
C HIS B 68 25.04 1.41 -22.05
N LEU B 69 24.65 1.00 -20.83
CA LEU B 69 23.70 1.79 -20.01
C LEU B 69 24.36 3.11 -19.61
N VAL B 70 25.60 3.02 -19.15
CA VAL B 70 26.36 4.21 -18.81
C VAL B 70 26.47 5.16 -20.01
N ASN B 71 26.68 4.60 -21.21
CA ASN B 71 26.85 5.43 -22.38
C ASN B 71 25.54 6.13 -22.73
N LEU B 72 24.44 5.41 -22.58
CA LEU B 72 23.11 5.99 -22.81
C LEU B 72 22.85 7.20 -21.90
N ALA B 73 23.26 7.08 -20.64
CA ALA B 73 23.14 8.21 -19.70
C ALA B 73 23.91 9.43 -20.20
N HIS B 74 25.16 9.25 -20.66
CA HIS B 74 25.92 10.37 -21.26
C HIS B 74 25.23 10.89 -22.50
N GLU B 75 24.76 10.00 -23.35
CA GLU B 75 24.14 10.40 -24.61
C GLU B 75 22.89 11.28 -24.33
N ARG B 76 22.15 10.93 -23.29
CA ARG B 76 21.01 11.72 -22.86
C ARG B 76 21.40 12.91 -21.94
N GLN B 77 22.70 13.16 -21.73
CA GLN B 77 23.17 14.34 -20.99
C GLN B 77 22.66 14.31 -19.54
N VAL B 78 22.61 13.13 -18.95
CA VAL B 78 22.12 13.02 -17.59
C VAL B 78 23.03 13.82 -16.64
N PRO B 79 24.36 13.74 -16.84
CA PRO B 79 25.22 14.56 -15.98
C PRO B 79 25.07 16.10 -16.16
N ALA B 80 24.84 16.56 -17.37
CA ALA B 80 24.62 18.00 -17.59
C ALA B 80 23.31 18.45 -16.90
N MET B 81 22.32 17.56 -16.88
CA MET B 81 21.03 17.88 -16.27
C MET B 81 21.16 18.05 -14.77
N VAL B 82 21.94 17.17 -14.12
CA VAL B 82 22.23 17.32 -12.71
C VAL B 82 22.74 18.75 -12.43
N LYS B 83 23.73 19.17 -13.22
CA LYS B 83 24.31 20.50 -13.08
C LYS B 83 23.29 21.60 -13.28
N ARG B 84 22.37 21.42 -14.23
CA ARG B 84 21.30 22.41 -14.43
C ARG B 84 20.39 22.47 -13.21
N MET B 85 20.08 21.31 -12.64
CA MET B 85 19.23 21.23 -11.44
C MET B 85 19.88 21.97 -10.27
N PHE B 86 21.12 21.60 -9.97
CA PHE B 86 21.84 22.15 -8.82
C PHE B 86 22.11 23.65 -8.93
N SER B 87 22.31 24.15 -10.15
CA SER B 87 22.58 25.58 -10.31
C SER B 87 21.29 26.44 -10.39
N GLY B 88 20.11 25.82 -10.34
CA GLY B 88 18.88 26.57 -10.28
C GLY B 88 18.29 27.00 -11.60
N GLU B 89 18.77 26.43 -12.69
CA GLU B 89 18.10 26.59 -14.00
C GLU B 89 16.64 26.10 -13.97
N LYS B 90 15.79 26.73 -14.76
CA LYS B 90 14.36 26.41 -14.76
C LYS B 90 14.03 25.20 -15.63
N ILE B 91 14.46 24.03 -15.17
CA ILE B 91 14.38 22.80 -15.95
C ILE B 91 12.98 22.13 -15.95
N ASN B 92 12.07 22.64 -15.14
CA ASN B 92 10.65 22.33 -15.20
C ASN B 92 10.05 23.37 -16.16
N GLN B 93 10.16 23.08 -17.44
CA GLN B 93 9.86 24.07 -18.50
C GLN B 93 8.39 24.29 -18.67
N THR B 94 7.53 23.33 -18.33
CA THR B 94 6.09 23.52 -18.56
C THR B 94 5.49 24.48 -17.54
N GLU B 95 6.13 24.61 -16.38
CA GLU B 95 5.74 25.57 -15.36
C GLU B 95 6.74 26.73 -15.21
N ASN B 96 7.80 26.70 -16.01
CA ASN B 96 8.90 27.66 -15.96
C ASN B 96 9.43 27.87 -14.54
N ARG B 97 9.91 26.77 -13.94
CA ARG B 97 10.33 26.75 -12.57
C ARG B 97 11.65 25.99 -12.40
N ALA B 98 12.44 26.46 -11.46
CA ALA B 98 13.61 25.76 -11.07
C ALA B 98 13.10 24.53 -10.29
N VAL B 99 14.01 23.64 -9.99
CA VAL B 99 13.70 22.38 -9.34
C VAL B 99 14.79 22.25 -8.32
N LEU B 100 14.54 22.79 -7.13
CA LEU B 100 15.63 23.03 -6.19
C LEU B 100 15.38 22.43 -4.80
N HIS B 101 14.80 21.24 -4.77
CA HIS B 101 14.79 20.52 -3.50
C HIS B 101 16.18 20.30 -2.89
N VAL B 102 17.25 20.18 -3.70
CA VAL B 102 18.60 20.02 -3.14
C VAL B 102 19.05 21.27 -2.36
N ALA B 103 18.55 22.44 -2.75
CA ALA B 103 18.79 23.69 -1.99
C ALA B 103 18.29 23.58 -0.53
N LEU B 104 17.24 22.82 -0.32
CA LEU B 104 16.61 22.77 1.02
C LEU B 104 17.57 22.30 2.12
N ARG B 105 18.54 21.48 1.73
CA ARG B 105 19.40 20.82 2.69
C ARG B 105 20.86 21.19 2.47
N MET B 106 21.11 22.24 1.68
CA MET B 106 22.46 22.76 1.60
C MET B 106 22.76 23.48 2.92
N PRO B 107 23.88 23.13 3.55
CA PRO B 107 24.16 23.70 4.86
C PRO B 107 24.47 25.19 4.79
N GLU B 108 24.33 25.84 5.93
CA GLU B 108 24.66 27.26 6.09
C GLU B 108 26.12 27.43 5.66
N GLY B 109 26.38 28.39 4.77
CA GLY B 109 27.73 28.61 4.29
C GLY B 109 28.06 27.89 2.99
N SER B 110 27.06 27.28 2.36
CA SER B 110 27.21 26.74 1.00
C SER B 110 27.26 27.88 0.01
N GLU B 111 27.83 27.64 -1.17
CA GLU B 111 27.91 28.63 -2.24
C GLU B 111 26.49 29.07 -2.61
N PRO B 112 26.31 30.34 -3.01
CA PRO B 112 25.00 30.82 -3.43
C PRO B 112 24.42 30.05 -4.60
N VAL B 113 23.10 29.96 -4.66
CA VAL B 113 22.37 29.33 -5.75
C VAL B 113 21.31 30.37 -6.12
N HIS B 114 21.31 30.85 -7.36
CA HIS B 114 20.46 31.96 -7.77
C HIS B 114 19.23 31.56 -8.55
N VAL B 115 18.08 32.11 -8.18
CA VAL B 115 16.90 32.11 -9.02
C VAL B 115 16.42 33.56 -9.11
N ASP B 116 16.21 34.05 -10.31
CA ASP B 116 15.83 35.47 -10.53
C ASP B 116 16.74 36.49 -9.79
N GLY B 117 18.05 36.27 -9.88
CA GLY B 117 19.01 37.17 -9.27
C GLY B 117 19.11 37.12 -7.75
N LYS B 118 18.48 36.16 -7.09
CA LYS B 118 18.41 36.14 -5.62
C LYS B 118 18.98 34.82 -5.11
N ASN B 119 19.84 34.86 -4.11
CA ASN B 119 20.40 33.63 -3.55
C ASN B 119 19.32 32.97 -2.72
N VAL B 120 18.71 31.90 -3.22
CA VAL B 120 17.60 31.26 -2.53
C VAL B 120 17.98 30.73 -1.15
N LEU B 121 19.28 30.47 -0.91
CA LEU B 121 19.70 29.93 0.37
C LEU B 121 19.46 30.89 1.58
N ASP B 122 19.49 32.21 1.35
CA ASP B 122 19.13 33.19 2.38
C ASP B 122 17.74 32.89 2.92
N GLU B 123 16.77 32.66 2.05
CA GLU B 123 15.43 32.33 2.47
C GLU B 123 15.37 30.90 3.06
N VAL B 124 16.04 29.93 2.43
CA VAL B 124 16.05 28.56 2.97
C VAL B 124 16.51 28.55 4.44
N HIS B 125 17.62 29.23 4.72
CA HIS B 125 18.14 29.22 6.10
C HIS B 125 17.37 30.09 7.04
N ALA B 126 16.71 31.12 6.55
CA ALA B 126 15.91 31.99 7.41
C ALA B 126 14.69 31.21 7.92
N VAL B 127 14.05 30.47 7.04
CA VAL B 127 12.93 29.65 7.51
C VAL B 127 13.45 28.56 8.46
N LEU B 128 14.60 27.96 8.16
CA LEU B 128 15.09 26.88 9.02
C LEU B 128 15.39 27.43 10.42
N ARG B 129 16.03 28.59 10.50
CA ARG B 129 16.30 29.18 11.82
C ARG B 129 15.02 29.49 12.58
N ARG B 130 14.01 30.00 11.87
CA ARG B 130 12.73 30.29 12.48
C ARG B 130 12.03 29.01 12.98
N ILE B 131 12.19 27.90 12.26
CA ILE B 131 11.59 26.61 12.70
C ILE B 131 12.33 26.12 13.95
N ARG B 132 13.65 26.28 13.96
CA ARG B 132 14.40 25.85 15.12
C ARG B 132 13.90 26.58 16.36
N VAL B 133 13.83 27.90 16.29
CA VAL B 133 13.45 28.71 17.42
C VAL B 133 12.01 28.44 17.82
N PHE B 134 11.12 28.36 16.83
CA PHE B 134 9.71 28.12 17.12
C PHE B 134 9.49 26.74 17.76
N SER B 135 10.13 25.72 17.21
CA SER B 135 9.98 24.38 17.75
C SER B 135 10.56 24.28 19.17
N GLU B 136 11.72 24.89 19.41
CA GLU B 136 12.34 24.90 20.73
CA GLU B 136 12.30 24.84 20.72
C GLU B 136 11.37 25.46 21.74
N LYS B 137 10.74 26.60 21.38
CA LYS B 137 9.82 27.33 22.27
C LYS B 137 8.50 26.56 22.55
N VAL B 138 7.90 25.92 21.53
CA VAL B 138 6.74 25.04 21.75
C VAL B 138 7.11 23.85 22.66
N ARG B 139 8.19 23.15 22.28
CA ARG B 139 8.62 21.99 23.04
C ARG B 139 8.99 22.33 24.49
N SER B 140 9.56 23.52 24.75
CA SER B 140 9.96 23.87 26.11
C SER B 140 8.82 24.47 26.92
N GLY B 141 7.80 24.96 26.24
CA GLY B 141 6.68 25.60 26.91
C GLY B 141 6.81 27.11 27.00
N GLU B 142 7.78 27.69 26.29
CA GLU B 142 7.86 29.13 26.30
C GLU B 142 6.70 29.67 25.47
N ILE B 143 6.23 28.90 24.47
CA ILE B 143 5.00 29.24 23.75
C ILE B 143 3.98 28.18 24.23
N ARG B 144 2.82 28.65 24.72
CA ARG B 144 1.73 27.82 25.24
C ARG B 144 0.45 27.99 24.42
N GLY B 145 -0.51 27.09 24.61
CA GLY B 145 -1.87 27.28 24.12
C GLY B 145 -2.54 28.49 24.73
N HIS B 146 -3.76 28.77 24.30
CA HIS B 146 -4.46 29.99 24.73
C HIS B 146 -4.76 30.01 26.20
N THR B 147 -4.92 28.85 26.81
CA THR B 147 -5.14 28.81 28.25
C THR B 147 -3.84 28.56 29.02
N GLY B 148 -2.70 28.65 28.40
CA GLY B 148 -1.44 28.47 29.12
C GLY B 148 -0.96 27.03 29.33
N LYS B 149 -1.56 26.05 28.68
CA LYS B 149 -1.06 24.66 28.77
C LYS B 149 0.04 24.42 27.76
N LYS B 150 1.00 23.59 28.11
CA LYS B 150 2.05 23.14 27.17
C LYS B 150 1.43 22.37 26.03
N LEU B 151 1.91 22.61 24.84
CA LEU B 151 1.32 22.01 23.68
C LEU B 151 2.04 20.70 23.51
N VAL B 152 1.30 19.60 23.51
CA VAL B 152 1.88 18.26 23.44
C VAL B 152 1.31 17.42 22.27
N ASN B 153 0.32 17.95 21.55
CA ASN B 153 -0.25 17.28 20.37
C ASN B 153 -0.13 18.17 19.13
N VAL B 154 0.07 17.58 17.96
CA VAL B 154 0.05 18.27 16.67
C VAL B 154 -0.94 17.61 15.73
N ILE B 155 -1.81 18.40 15.11
CA ILE B 155 -2.63 17.93 13.99
C ILE B 155 -2.02 18.61 12.80
N SER B 156 -1.41 17.82 11.94
CA SER B 156 -0.78 18.31 10.72
C SER B 156 -1.76 18.02 9.60
N ILE B 157 -2.23 19.10 8.96
CA ILE B 157 -3.27 18.99 7.93
C ILE B 157 -2.62 19.14 6.59
N GLY B 158 -2.83 18.18 5.71
CA GLY B 158 -2.16 18.20 4.45
C GLY B 158 -2.34 16.90 3.72
N ILE B 159 -2.32 16.98 2.40
CA ILE B 159 -2.62 15.84 1.56
C ILE B 159 -1.50 15.72 0.52
N GLY B 160 -1.32 14.52 -0.03
CA GLY B 160 -0.32 14.31 -1.08
C GLY B 160 1.10 14.58 -0.61
N GLY B 161 1.79 15.41 -1.37
CA GLY B 161 3.17 15.78 -1.06
C GLY B 161 3.32 16.45 0.29
N SER B 162 2.22 17.01 0.79
CA SER B 162 2.22 17.77 2.04
C SER B 162 2.10 16.88 3.26
N TYR B 163 2.06 15.56 3.07
CA TYR B 163 2.16 14.64 4.23
C TYR B 163 2.82 13.28 3.97
N LEU B 164 2.73 12.70 2.77
CA LEU B 164 3.23 11.33 2.60
C LEU B 164 4.70 11.20 2.94
N GLY B 165 5.54 12.12 2.48
CA GLY B 165 6.96 12.03 2.85
C GLY B 165 7.18 12.20 4.35
N THR B 166 6.48 13.19 4.92
CA THR B 166 6.56 13.46 6.38
C THR B 166 6.11 12.22 7.19
N GLU B 167 5.05 11.53 6.77
CA GLU B 167 4.61 10.38 7.56
C GLU B 167 5.62 9.24 7.45
N PHE B 168 6.22 9.09 6.27
CA PHE B 168 7.32 8.14 6.08
C PHE B 168 8.42 8.41 7.11
N VAL B 169 8.89 9.66 7.15
CA VAL B 169 10.06 9.95 8.02
C VAL B 169 9.69 9.83 9.49
N HIS B 170 8.50 10.27 9.81
CA HIS B 170 8.00 10.23 11.16
C HIS B 170 7.98 8.84 11.75
N LEU B 171 7.40 7.91 11.01
CA LEU B 171 7.34 6.54 11.49
C LEU B 171 8.74 5.92 11.44
N ALA B 172 9.54 6.24 10.45
CA ALA B 172 10.93 5.75 10.43
C ALA B 172 11.72 6.14 11.70
N LEU B 173 11.40 7.29 12.29
CA LEU B 173 12.16 7.75 13.43
C LEU B 173 11.56 7.39 14.78
N ALA B 174 10.29 7.00 14.79
CA ALA B 174 9.50 6.84 16.02
C ALA B 174 10.11 5.94 17.07
N ALA B 175 10.72 4.86 16.63
CA ALA B 175 11.31 3.86 17.53
C ALA B 175 12.82 4.05 17.71
N GLU B 176 13.41 5.02 17.01
CA GLU B 176 14.85 5.30 17.20
C GLU B 176 15.08 5.71 18.65
N GLY B 177 16.12 5.18 19.27
CA GLY B 177 16.36 5.40 20.71
C GLY B 177 16.26 6.85 21.19
N TYR B 178 17.04 7.74 20.56
CA TYR B 178 17.09 9.16 20.96
C TYR B 178 15.88 9.96 20.51
N ALA B 179 15.40 9.70 19.30
CA ALA B 179 14.22 10.40 18.79
C ALA B 179 12.99 10.08 19.66
N ALA B 180 12.85 8.82 20.06
CA ALA B 180 11.72 8.40 20.88
C ALA B 180 11.74 9.15 22.21
N GLU B 181 12.93 9.36 22.77
CA GLU B 181 13.05 10.05 24.03
C GLU B 181 12.59 11.47 23.85
N LYS B 182 12.97 12.08 22.73
CA LYS B 182 12.57 13.44 22.45
C LYS B 182 11.07 13.58 22.13
N ALA B 183 10.49 12.51 21.60
CA ALA B 183 9.09 12.49 21.25
C ALA B 183 8.21 12.04 22.42
N HIS B 184 8.81 11.56 23.51
CA HIS B 184 8.03 11.05 24.61
C HIS B 184 6.99 12.00 25.14
N GLY B 185 5.74 11.55 25.23
CA GLY B 185 4.66 12.39 25.72
C GLY B 185 4.07 13.27 24.60
N ARG B 186 4.62 13.19 23.39
CA ARG B 186 4.17 14.00 22.27
C ARG B 186 3.51 13.14 21.22
N GLN B 187 2.46 13.69 20.62
CA GLN B 187 1.67 12.95 19.67
C GLN B 187 1.46 13.81 18.46
N ILE B 188 1.40 13.15 17.32
CA ILE B 188 1.09 13.83 16.07
C ILE B 188 0.15 12.98 15.24
N HIS B 189 -0.92 13.63 14.77
CA HIS B 189 -1.87 13.04 13.84
C HIS B 189 -1.84 13.75 12.48
N PHE B 190 -1.84 12.97 11.40
CA PHE B 190 -1.88 13.52 10.02
C PHE B 190 -3.32 13.54 9.49
N LEU B 191 -3.84 14.73 9.26
CA LEU B 191 -5.21 14.85 8.76
C LEU B 191 -5.01 15.11 7.28
N ALA B 192 -5.37 14.13 6.45
CA ALA B 192 -5.12 14.20 5.00
C ALA B 192 -6.44 14.21 4.21
N ASN B 193 -7.26 13.19 4.43
CA ASN B 193 -8.44 12.94 3.58
C ASN B 193 -9.49 14.01 3.87
N VAL B 194 -10.29 14.41 2.88
CA VAL B 194 -11.42 15.32 3.13
C VAL B 194 -12.57 14.55 3.75
N ASP B 195 -12.53 13.21 3.66
CA ASP B 195 -13.49 12.38 4.40
C ASP B 195 -13.55 12.80 5.90
N PRO B 196 -14.72 13.25 6.37
CA PRO B 196 -14.76 13.74 7.71
C PRO B 196 -14.51 12.72 8.82
N VAL B 197 -14.48 11.42 8.47
CA VAL B 197 -13.89 10.42 9.38
C VAL B 197 -12.40 10.68 9.74
N ASP B 198 -11.63 11.18 8.81
CA ASP B 198 -10.24 11.51 9.09
C ASP B 198 -10.14 12.70 10.06
N VAL B 199 -11.06 13.65 9.94
CA VAL B 199 -11.14 14.78 10.92
C VAL B 199 -11.41 14.25 12.34
N TRP B 200 -12.38 13.36 12.43
CA TRP B 200 -12.72 12.73 13.71
C TRP B 200 -11.53 11.94 14.26
N LEU B 201 -10.88 11.20 13.40
CA LEU B 201 -9.70 10.45 13.82
C LEU B 201 -8.56 11.44 14.30
N ALA B 202 -8.34 12.57 13.61
CA ALA B 202 -7.30 13.53 13.96
C ALA B 202 -7.53 14.18 15.31
N GLU B 203 -8.80 14.46 15.60
CA GLU B 203 -9.21 15.15 16.82
C GLU B 203 -9.28 14.21 18.01
N ARG B 204 -9.32 12.92 17.71
CA ARG B 204 -9.56 11.91 18.73
C ARG B 204 -8.47 11.84 19.77
N GLY B 205 -8.89 11.97 21.02
CA GLY B 205 -8.02 11.91 22.14
C GLY B 205 -7.17 13.16 22.34
N PHE B 206 -7.42 14.24 21.57
CA PHE B 206 -6.62 15.46 21.72
C PHE B 206 -7.48 16.53 22.37
N ASP B 207 -7.02 17.11 23.47
CA ASP B 207 -7.68 18.29 24.02
C ASP B 207 -7.19 19.49 23.22
N PRO B 208 -8.12 20.31 22.69
CA PRO B 208 -7.69 21.45 21.86
C PRO B 208 -6.73 22.41 22.54
N GLU B 209 -6.84 22.51 23.87
CA GLU B 209 -6.01 23.45 24.62
C GLU B 209 -4.51 23.08 24.68
N GLU B 210 -4.20 21.81 24.41
CA GLU B 210 -2.83 21.31 24.36
C GLU B 210 -2.39 20.90 22.96
N THR B 211 -3.11 21.36 21.93
CA THR B 211 -2.94 20.89 20.57
C THR B 211 -2.60 22.06 19.65
N LEU B 212 -1.58 21.87 18.82
CA LEU B 212 -1.17 22.83 17.78
C LEU B 212 -1.55 22.30 16.39
N VAL B 213 -2.08 23.18 15.55
CA VAL B 213 -2.51 22.79 14.22
C VAL B 213 -1.50 23.37 13.24
N VAL B 214 -0.95 22.55 12.38
CA VAL B 214 -0.07 23.00 11.30
C VAL B 214 -0.83 22.79 10.00
N VAL B 215 -1.24 23.85 9.32
CA VAL B 215 -1.89 23.71 8.02
C VAL B 215 -0.87 23.81 6.88
N ILE B 216 -0.73 22.73 6.12
CA ILE B 216 0.36 22.60 5.15
C ILE B 216 -0.22 22.48 3.74
N SER B 217 0.01 23.49 2.90
CA SER B 217 -0.44 23.49 1.52
C SER B 217 0.34 24.48 0.68
N LYS B 218 0.95 23.98 -0.39
CA LYS B 218 1.82 24.78 -1.21
C LYS B 218 1.04 25.98 -1.73
N THR B 219 -0.13 25.71 -2.29
CA THR B 219 -1.01 26.73 -2.84
C THR B 219 -1.91 27.44 -1.83
N PHE B 220 -2.15 26.79 -0.70
CA PHE B 220 -3.16 27.20 0.27
C PHE B 220 -4.55 27.33 -0.30
N THR B 221 -4.81 26.55 -1.35
CA THR B 221 -6.14 26.46 -1.93
C THR B 221 -6.58 25.01 -2.20
N THR B 222 -5.82 23.99 -1.80
CA THR B 222 -6.26 22.64 -2.06
C THR B 222 -7.59 22.34 -1.32
N ALA B 223 -8.53 21.73 -2.05
CA ALA B 223 -9.94 21.62 -1.61
C ALA B 223 -10.00 20.89 -0.28
N GLU B 224 -9.27 19.79 -0.20
CA GLU B 224 -9.38 18.96 0.99
C GLU B 224 -8.75 19.59 2.19
N THR B 225 -7.56 20.08 1.99
CA THR B 225 -6.80 20.67 3.08
C THR B 225 -7.47 21.91 3.64
N MET B 226 -8.04 22.74 2.77
CA MET B 226 -8.72 23.92 3.27
C MET B 226 -10.03 23.60 4.00
N MET B 227 -10.79 22.64 3.48
CA MET B 227 -12.00 22.24 4.19
C MET B 227 -11.62 21.63 5.55
N ASN B 228 -10.57 20.81 5.56
CA ASN B 228 -10.04 20.27 6.80
C ASN B 228 -9.65 21.36 7.78
N ALA B 229 -8.88 22.34 7.30
CA ALA B 229 -8.48 23.47 8.14
C ALA B 229 -9.67 24.23 8.70
N ARG B 230 -10.68 24.47 7.84
CA ARG B 230 -11.91 25.10 8.31
C ARG B 230 -12.65 24.24 9.32
N SER B 231 -12.69 22.92 9.11
CA SER B 231 -13.36 22.01 10.05
C SER B 231 -12.66 21.95 11.42
N VAL B 232 -11.34 21.98 11.45
CA VAL B 232 -10.56 21.98 12.67
C VAL B 232 -10.68 23.33 13.40
N ARG B 233 -10.70 24.41 12.64
CA ARG B 233 -11.00 25.73 13.21
C ARG B 233 -12.34 25.69 13.92
N ASP B 234 -13.35 25.12 13.25
CA ASP B 234 -14.67 25.02 13.88
C ASP B 234 -14.64 24.26 15.22
N TRP B 235 -13.91 23.14 15.23
CA TRP B 235 -13.68 22.33 16.45
C TRP B 235 -13.06 23.13 17.56
N TYR B 236 -12.10 23.99 17.21
CA TYR B 236 -11.49 24.93 18.15
C TYR B 236 -12.50 26.00 18.62
N LEU B 237 -13.31 26.52 17.69
CA LEU B 237 -14.28 27.57 18.06
C LEU B 237 -15.33 27.01 19.03
N HIS B 238 -15.79 25.78 18.81
CA HIS B 238 -16.74 25.13 19.72
C HIS B 238 -16.16 24.87 21.12
N HIS B 239 -14.90 24.45 21.17
CA HIS B 239 -14.24 24.24 22.45
C HIS B 239 -14.14 25.52 23.23
N TYR B 240 -13.68 26.56 22.54
CA TYR B 240 -13.45 27.87 23.14
C TYR B 240 -14.70 28.79 23.12
N LYS B 241 -15.89 28.20 22.98
CA LYS B 241 -17.16 28.92 23.12
C LYS B 241 -17.26 30.10 22.16
N GLY B 242 -16.84 29.91 20.92
CA GLY B 242 -16.97 30.93 19.88
C GLY B 242 -15.99 32.07 19.95
N ASP B 243 -15.04 32.03 20.89
CA ASP B 243 -14.07 33.12 21.05
C ASP B 243 -12.95 33.03 20.01
N GLU B 244 -13.08 33.87 18.97
CA GLU B 244 -12.05 34.02 17.92
C GLU B 244 -10.64 34.22 18.47
N ARG B 245 -10.52 35.02 19.53
CA ARG B 245 -9.22 35.40 20.04
C ARG B 245 -8.39 34.17 20.46
N ALA B 246 -9.05 33.05 20.76
CA ALA B 246 -8.31 31.88 21.21
C ALA B 246 -7.55 31.14 20.09
N LEU B 247 -7.90 31.39 18.83
CA LEU B 247 -7.36 30.56 17.72
C LEU B 247 -5.89 30.79 17.38
N GLY B 248 -5.44 32.04 17.45
CA GLY B 248 -4.08 32.40 17.04
C GLY B 248 -2.98 31.59 17.68
N ALA B 249 -3.13 31.30 18.97
CA ALA B 249 -2.13 30.51 19.71
C ALA B 249 -2.10 29.04 19.32
N HIS B 250 -3.10 28.54 18.57
CA HIS B 250 -3.15 27.12 18.19
C HIS B 250 -2.91 26.75 16.72
N PHE B 251 -2.53 27.75 15.92
CA PHE B 251 -2.39 27.56 14.48
C PHE B 251 -1.08 28.10 13.94
N CYS B 252 -0.54 27.37 12.98
CA CYS B 252 0.55 27.83 12.21
C CYS B 252 0.40 27.16 10.85
N ALA B 253 1.22 27.53 9.88
CA ALA B 253 1.03 27.09 8.49
C ALA B 253 2.34 26.97 7.76
N VAL B 254 2.33 26.14 6.71
CA VAL B 254 3.45 26.05 5.80
C VAL B 254 2.87 26.13 4.40
N SER B 255 3.33 27.09 3.61
CA SER B 255 2.77 27.36 2.30
C SER B 255 3.67 28.30 1.51
N THR B 256 3.44 28.36 0.21
CA THR B 256 4.04 29.44 -0.61
C THR B 256 3.11 30.62 -0.77
N ASN B 257 1.88 30.52 -0.26
CA ASN B 257 0.85 31.54 -0.51
C ASN B 257 0.50 32.33 0.76
N LEU B 258 1.22 33.43 0.94
CA LEU B 258 1.08 34.26 2.12
C LEU B 258 -0.17 35.12 2.13
N ASP B 259 -0.75 35.40 0.96
CA ASP B 259 -2.05 36.08 0.93
C ASP B 259 -3.11 35.15 1.48
N GLY B 260 -3.04 33.88 1.06
CA GLY B 260 -3.95 32.86 1.54
C GLY B 260 -3.80 32.55 3.03
N THR B 261 -2.55 32.48 3.51
CA THR B 261 -2.35 32.24 4.95
C THR B 261 -2.87 33.40 5.81
N SER B 262 -2.61 34.64 5.40
CA SER B 262 -3.14 35.80 6.13
C SER B 262 -4.63 35.80 6.14
N LYS B 263 -5.21 35.53 4.99
CA LYS B 263 -6.64 35.58 4.81
C LYS B 263 -7.31 34.50 5.69
N PHE B 264 -6.58 33.41 5.94
CA PHE B 264 -7.08 32.38 6.86
C PHE B 264 -6.97 32.84 8.31
N GLY B 265 -6.17 33.85 8.57
CA GLY B 265 -6.03 34.40 9.90
C GLY B 265 -4.75 33.99 10.57
N ILE B 266 -3.77 33.55 9.78
CA ILE B 266 -2.47 33.22 10.34
C ILE B 266 -1.44 34.27 9.94
N GLN B 267 -0.87 34.92 10.95
CA GLN B 267 0.10 35.98 10.74
C GLN B 267 1.50 35.41 10.43
N SER B 268 2.34 36.27 9.85
CA SER B 268 3.58 35.79 9.24
C SER B 268 4.56 35.17 10.23
N ASP B 269 4.45 35.47 11.52
CA ASP B 269 5.31 34.86 12.50
C ASP B 269 4.89 33.42 12.86
N ARG B 270 3.78 32.94 12.27
CA ARG B 270 3.37 31.56 12.42
CA ARG B 270 3.32 31.57 12.43
C ARG B 270 3.23 30.87 11.06
N VAL B 271 3.84 31.49 10.05
CA VAL B 271 3.96 30.89 8.74
C VAL B 271 5.44 30.63 8.45
N PHE B 272 5.72 29.40 8.06
CA PHE B 272 7.06 28.92 7.75
C PHE B 272 7.03 28.51 6.29
N GLY B 273 7.48 29.40 5.43
CA GLY B 273 7.27 29.24 4.00
C GLY B 273 8.17 28.26 3.28
N PHE B 274 7.73 27.88 2.08
CA PHE B 274 8.62 27.33 1.06
C PHE B 274 8.43 28.02 -0.28
N TRP B 275 8.81 27.41 -1.41
CA TRP B 275 8.98 28.15 -2.68
C TRP B 275 8.41 27.39 -3.83
N ASP B 276 8.15 28.10 -4.93
CA ASP B 276 7.59 27.43 -6.10
C ASP B 276 8.50 26.31 -6.65
N TRP B 277 9.81 26.44 -6.47
CA TRP B 277 10.77 25.44 -6.96
C TRP B 277 10.89 24.21 -6.09
N VAL B 278 10.00 24.05 -5.10
CA VAL B 278 9.92 22.83 -4.32
C VAL B 278 8.68 22.06 -4.73
N GLY B 279 8.84 21.00 -5.51
CA GLY B 279 7.68 20.13 -5.79
C GLY B 279 7.13 19.45 -4.53
N GLY B 280 5.82 19.21 -4.52
CA GLY B 280 5.10 18.67 -3.33
C GLY B 280 5.71 17.36 -2.93
N ARG B 281 5.86 16.48 -3.92
CA ARG B 281 6.46 15.17 -3.73
C ARG B 281 7.98 15.21 -3.44
N TYR B 282 8.58 16.40 -3.50
CA TYR B 282 9.96 16.60 -3.11
C TYR B 282 10.08 17.58 -1.94
N SER B 283 9.02 17.74 -1.16
CA SER B 283 8.93 18.84 -0.19
C SER B 283 9.28 18.50 1.25
N VAL B 284 9.52 17.23 1.57
CA VAL B 284 9.67 16.86 2.97
C VAL B 284 10.91 17.48 3.61
N THR B 285 11.93 17.84 2.83
CA THR B 285 13.08 18.54 3.38
C THR B 285 12.88 20.05 3.46
N SER B 286 11.73 20.56 3.01
CA SER B 286 11.33 21.95 3.31
C SER B 286 10.58 22.00 4.63
N ALA B 287 10.10 23.19 4.98
CA ALA B 287 9.19 23.40 6.14
C ALA B 287 8.08 22.35 6.22
N VAL B 288 7.61 21.87 5.04
CA VAL B 288 6.54 20.85 4.97
C VAL B 288 6.81 19.71 5.94
N GLY B 289 8.02 19.18 5.88
CA GLY B 289 8.49 18.08 6.74
C GLY B 289 9.29 18.54 7.96
N ILE B 290 10.09 19.60 7.78
CA ILE B 290 11.02 19.99 8.83
C ILE B 290 10.27 20.55 10.08
N LEU B 291 9.19 21.30 9.88
CA LEU B 291 8.44 21.82 11.01
C LEU B 291 7.77 20.71 11.87
N PRO B 292 6.99 19.81 11.26
CA PRO B 292 6.37 18.80 12.13
C PRO B 292 7.38 17.80 12.73
N LEU B 293 8.46 17.51 11.99
CA LEU B 293 9.49 16.62 12.49
C LEU B 293 10.22 17.31 13.65
N ALA B 294 10.47 18.60 13.51
CA ALA B 294 11.17 19.36 14.57
C ALA B 294 10.26 19.46 15.79
N LEU B 295 8.96 19.65 15.58
CA LEU B 295 8.02 19.71 16.69
C LEU B 295 7.97 18.41 17.48
N GLN B 296 8.01 17.30 16.76
CA GLN B 296 7.85 15.98 17.38
C GLN B 296 9.16 15.52 18.01
N TYR B 297 10.27 15.71 17.29
CA TYR B 297 11.56 15.13 17.67
C TYR B 297 12.61 16.17 18.08
N GLY B 298 12.28 17.45 17.94
CA GLY B 298 13.23 18.52 18.23
C GLY B 298 14.06 18.81 16.99
N TYR B 299 14.55 20.02 16.88
CA TYR B 299 15.23 20.42 15.62
C TYR B 299 16.46 19.60 15.24
N ASP B 300 17.24 19.18 16.24
CA ASP B 300 18.50 18.45 15.98
CA ASP B 300 18.49 18.47 15.97
C ASP B 300 18.23 17.21 15.13
N VAL B 301 17.14 16.51 15.44
CA VAL B 301 16.79 15.33 14.64
C VAL B 301 16.47 15.73 13.19
N ALA B 302 15.66 16.79 13.02
CA ALA B 302 15.42 17.33 11.68
C ALA B 302 16.71 17.73 10.95
N GLN B 303 17.67 18.33 11.65
CA GLN B 303 18.91 18.78 10.99
C GLN B 303 19.75 17.61 10.50
N GLU B 304 19.82 16.57 11.33
CA GLU B 304 20.63 15.41 10.97
C GLU B 304 20.03 14.74 9.70
N PHE B 305 18.70 14.70 9.65
CA PHE B 305 17.95 14.24 8.46
C PHE B 305 18.34 15.08 7.22
N LEU B 306 18.40 16.39 7.41
CA LEU B 306 18.77 17.27 6.32
C LEU B 306 20.22 16.95 5.93
N ASN B 307 21.10 16.77 6.91
CA ASN B 307 22.50 16.49 6.62
C ASN B 307 22.69 15.20 5.81
N GLY B 308 21.83 14.21 6.04
CA GLY B 308 21.85 12.97 5.31
C GLY B 308 21.42 13.10 3.86
N ALA B 309 20.30 13.75 3.63
CA ALA B 309 19.90 14.13 2.27
C ALA B 309 21.03 14.84 1.54
N HIS B 310 21.66 15.80 2.23
CA HIS B 310 22.74 16.56 1.65
C HIS B 310 23.90 15.70 1.31
N ALA B 311 24.27 14.74 2.16
CA ALA B 311 25.37 13.81 1.80
C ALA B 311 25.11 13.06 0.49
N MET B 312 23.89 12.61 0.28
CA MET B 312 23.56 11.87 -0.92
C MET B 312 23.52 12.81 -2.13
N ASP B 313 23.07 14.06 -1.92
CA ASP B 313 23.10 15.11 -2.96
C ASP B 313 24.51 15.32 -3.48
N VAL B 314 25.44 15.44 -2.54
CA VAL B 314 26.85 15.67 -2.91
C VAL B 314 27.30 14.45 -3.73
N HIS B 315 26.92 13.24 -3.27
CA HIS B 315 27.23 12.05 -4.03
C HIS B 315 26.68 12.13 -5.45
N PHE B 316 25.41 12.49 -5.56
CA PHE B 316 24.78 12.59 -6.87
C PHE B 316 25.49 13.60 -7.79
N LYS B 317 25.85 14.74 -7.20
CA LYS B 317 26.56 15.83 -7.87
C LYS B 317 27.98 15.51 -8.27
N THR B 318 28.68 14.65 -7.53
CA THR B 318 30.14 14.47 -7.75
C THR B 318 30.58 13.05 -8.24
N ALA B 319 29.89 12.00 -7.84
CA ALA B 319 30.30 10.64 -8.21
C ALA B 319 30.29 10.47 -9.74
N GLU B 320 31.29 9.77 -10.27
CA GLU B 320 31.34 9.47 -11.71
C GLU B 320 30.15 8.64 -12.09
N LEU B 321 29.70 8.79 -13.31
CA LEU B 321 28.45 8.13 -13.73
C LEU B 321 28.37 6.65 -13.26
N ALA B 322 29.42 5.88 -13.55
CA ALA B 322 29.47 4.43 -13.22
C ALA B 322 29.49 4.12 -11.71
N ASP B 323 29.79 5.12 -10.88
CA ASP B 323 29.82 4.96 -9.41
C ASP B 323 28.65 5.63 -8.70
N ASN B 324 27.70 6.14 -9.48
CA ASN B 324 26.73 7.10 -9.00
C ASN B 324 25.46 6.28 -8.73
N LEU B 325 25.11 6.12 -7.46
CA LEU B 325 24.01 5.23 -7.09
C LEU B 325 22.61 5.62 -7.67
N PRO B 326 22.21 6.90 -7.58
CA PRO B 326 20.95 7.23 -8.22
C PRO B 326 20.92 6.95 -9.75
N MET B 327 22.02 7.27 -10.43
CA MET B 327 22.08 7.04 -11.86
C MET B 327 22.03 5.56 -12.16
N LEU B 328 22.79 4.78 -11.40
CA LEU B 328 22.79 3.35 -11.60
C LEU B 328 21.39 2.80 -11.38
N MET B 329 20.73 3.19 -10.28
CA MET B 329 19.40 2.67 -9.99
C MET B 329 18.42 3.10 -11.07
N GLY B 330 18.54 4.33 -11.55
CA GLY B 330 17.64 4.78 -12.60
C GLY B 330 17.84 4.05 -13.90
N LEU B 331 19.09 3.78 -14.24
CA LEU B 331 19.43 3.08 -15.47
C LEU B 331 18.88 1.65 -15.44
N ILE B 332 19.07 0.95 -14.33
CA ILE B 332 18.61 -0.43 -14.16
C ILE B 332 17.08 -0.46 -14.27
N SER B 333 16.42 0.57 -13.75
CA SER B 333 14.95 0.57 -13.77
C SER B 333 14.42 0.75 -15.19
N VAL B 334 15.03 1.65 -15.94
CA VAL B 334 14.71 1.85 -17.34
C VAL B 334 15.04 0.59 -18.14
N TRP B 335 16.09 -0.10 -17.75
CA TRP B 335 16.43 -1.32 -18.45
C TRP B 335 15.29 -2.28 -18.29
N ASN B 336 14.84 -2.49 -17.06
CA ASN B 336 13.74 -3.40 -16.80
C ASN B 336 12.43 -2.94 -17.42
N ALA B 337 12.09 -1.67 -17.21
CA ALA B 337 10.80 -1.16 -17.61
C ALA B 337 10.74 -0.99 -19.12
N THR B 338 11.68 -0.19 -19.65
CA THR B 338 11.63 0.20 -21.03
C THR B 338 12.11 -0.89 -22.01
N PHE B 339 13.21 -1.54 -21.68
CA PHE B 339 13.78 -2.50 -22.59
C PHE B 339 13.19 -3.90 -22.40
N PHE B 340 12.93 -4.31 -21.16
CA PHE B 340 12.33 -5.62 -20.89
C PHE B 340 10.84 -5.53 -20.71
N GLY B 341 10.27 -4.34 -20.61
CA GLY B 341 8.82 -4.22 -20.58
C GLY B 341 8.15 -4.49 -19.24
N TYR B 342 8.91 -4.54 -18.14
CA TYR B 342 8.31 -4.85 -16.86
C TYR B 342 7.69 -3.54 -16.31
N SER B 343 6.39 -3.52 -16.09
CA SER B 343 5.69 -2.29 -15.77
C SER B 343 5.72 -1.86 -14.29
N ASN B 344 6.08 -2.77 -13.39
CA ASN B 344 5.97 -2.55 -11.93
C ASN B 344 7.31 -2.65 -11.24
N VAL B 345 7.48 -1.95 -10.12
CA VAL B 345 8.63 -2.16 -9.20
C VAL B 345 8.08 -2.31 -7.80
N ALA B 346 8.48 -3.39 -7.14
CA ALA B 346 8.17 -3.59 -5.73
C ALA B 346 9.27 -2.99 -4.83
N VAL B 347 8.86 -2.10 -3.92
CA VAL B 347 9.73 -1.42 -2.97
C VAL B 347 9.54 -2.12 -1.62
N LEU B 348 10.59 -2.80 -1.16
CA LEU B 348 10.47 -3.79 -0.10
C LEU B 348 11.47 -3.59 1.04
N PRO B 349 11.16 -2.64 1.94
CA PRO B 349 12.09 -2.40 3.05
C PRO B 349 11.94 -3.39 4.18
N TYR B 350 13.04 -4.05 4.56
CA TYR B 350 13.01 -4.98 5.69
C TYR B 350 13.15 -4.22 7.02
N ALA B 351 12.09 -3.44 7.32
CA ALA B 351 12.09 -2.51 8.44
C ALA B 351 10.66 -2.09 8.71
N GLN B 352 10.13 -2.50 9.85
CA GLN B 352 8.82 -2.00 10.27
C GLN B 352 8.78 -0.45 10.36
N ALA B 353 9.91 0.14 10.74
CA ALA B 353 10.03 1.60 10.81
C ALA B 353 9.68 2.21 9.47
N LEU B 354 9.94 1.48 8.37
CA LEU B 354 9.69 2.02 6.99
C LEU B 354 8.32 1.59 6.41
N LEU B 355 7.36 1.37 7.31
CA LEU B 355 5.99 0.97 6.96
C LEU B 355 5.36 1.83 5.87
N ARG B 356 5.61 3.14 5.91
CA ARG B 356 5.01 4.05 4.93
C ARG B 356 6.01 4.60 3.96
N PHE B 357 7.17 3.95 3.84
CA PHE B 357 8.14 4.35 2.81
C PHE B 357 7.65 4.02 1.39
N PRO B 358 7.13 2.78 1.12
CA PRO B 358 6.57 2.46 -0.20
C PRO B 358 5.52 3.48 -0.69
N ALA B 359 4.59 3.84 0.19
CA ALA B 359 3.56 4.81 -0.14
C ALA B 359 4.09 6.17 -0.58
N HIS B 360 5.17 6.64 0.05
CA HIS B 360 5.76 7.88 -0.36
C HIS B 360 6.43 7.71 -1.71
N ILE B 361 7.20 6.63 -1.87
CA ILE B 361 7.90 6.34 -3.15
C ILE B 361 6.90 6.20 -4.30
N GLN B 362 5.73 5.61 -3.97
CA GLN B 362 4.64 5.48 -4.93
C GLN B 362 4.21 6.84 -5.56
N GLN B 363 3.96 7.84 -4.71
CA GLN B 363 3.74 9.18 -5.22
C GLN B 363 4.97 9.73 -5.98
N LEU B 364 6.13 9.68 -5.35
CA LEU B 364 7.35 10.32 -5.92
C LEU B 364 7.62 9.83 -7.33
N THR B 365 7.53 8.53 -7.49
CA THR B 365 7.83 7.88 -8.74
C THR B 365 6.69 8.05 -9.78
N MET B 366 5.47 7.72 -9.38
CA MET B 366 4.37 7.65 -10.34
C MET B 366 3.85 9.03 -10.74
N GLU B 367 3.81 9.96 -9.79
CA GLU B 367 3.35 11.32 -10.10
C GLU B 367 4.41 12.07 -10.89
N SER B 368 5.69 11.72 -10.70
CA SER B 368 6.75 12.34 -11.48
C SER B 368 6.77 11.84 -12.93
N ASN B 369 6.77 10.52 -13.08
CA ASN B 369 7.11 9.92 -14.39
C ASN B 369 5.93 9.25 -15.09
N GLY B 370 4.76 9.33 -14.50
CA GLY B 370 3.52 8.91 -15.15
C GLY B 370 3.07 9.90 -16.20
N LYS B 371 3.81 9.98 -17.29
CA LYS B 371 3.62 10.98 -18.34
C LYS B 371 3.58 10.33 -19.72
N ARG B 372 3.03 11.06 -20.69
CA ARG B 372 2.89 10.56 -22.07
C ARG B 372 3.52 11.44 -23.15
N VAL B 373 4.11 12.59 -22.78
CA VAL B 373 4.81 13.50 -23.67
C VAL B 373 6.19 13.86 -23.13
N THR B 374 7.09 14.22 -24.05
CA THR B 374 8.41 14.68 -23.68
C THR B 374 8.28 16.10 -23.08
N MET B 375 9.39 16.63 -22.55
CA MET B 375 9.44 18.01 -22.07
C MET B 375 8.90 18.98 -23.09
N ASP B 376 9.24 18.81 -24.36
CA ASP B 376 8.75 19.76 -25.39
C ASP B 376 7.52 19.27 -26.16
N GLY B 377 6.75 18.37 -25.55
CA GLY B 377 5.42 18.05 -26.04
C GLY B 377 5.26 16.97 -27.10
N LYS B 378 6.35 16.32 -27.52
CA LYS B 378 6.24 15.18 -28.47
C LYS B 378 5.59 13.98 -27.74
N THR B 379 4.71 13.25 -28.43
CA THR B 379 4.00 12.13 -27.87
C THR B 379 4.99 10.99 -27.78
N LEU B 380 5.06 10.31 -26.67
CA LEU B 380 5.99 9.16 -26.53
C LEU B 380 5.49 7.92 -27.23
N ASP B 381 6.40 7.15 -27.80
CA ASP B 381 6.05 5.95 -28.57
C ASP B 381 5.91 4.72 -27.68
N PHE B 382 6.01 4.90 -26.36
CA PHE B 382 6.03 3.79 -25.41
C PHE B 382 5.64 4.33 -24.02
N ASP B 383 5.22 3.44 -23.12
CA ASP B 383 4.95 3.79 -21.72
C ASP B 383 6.24 4.12 -20.95
N VAL B 384 6.18 5.06 -20.00
CA VAL B 384 7.39 5.42 -19.26
C VAL B 384 7.30 5.00 -17.79
N GLY B 385 6.96 5.91 -16.89
CA GLY B 385 7.03 5.63 -15.48
C GLY B 385 6.38 4.31 -15.07
N GLU B 386 7.09 3.59 -14.22
CA GLU B 386 6.66 2.33 -13.67
C GLU B 386 5.60 2.54 -12.62
N ILE B 387 4.90 1.48 -12.29
CA ILE B 387 3.94 1.45 -11.19
C ILE B 387 4.69 0.91 -9.96
N PHE B 388 4.85 1.74 -8.93
CA PHE B 388 5.56 1.34 -7.71
C PHE B 388 4.52 1.02 -6.62
N PHE B 389 4.81 -0.02 -5.85
CA PHE B 389 4.00 -0.36 -4.68
C PHE B 389 4.91 -1.09 -3.69
N GLY B 390 4.39 -1.38 -2.51
CA GLY B 390 5.16 -2.26 -1.59
C GLY B 390 4.64 -2.23 -0.18
N GLU B 391 5.14 -3.19 0.62
CA GLU B 391 4.94 -3.22 2.07
C GLU B 391 6.30 -3.60 2.67
N PRO B 392 6.53 -3.33 3.96
CA PRO B 392 7.78 -3.81 4.55
C PRO B 392 7.92 -5.34 4.58
N GLY B 393 9.14 -5.80 4.53
CA GLY B 393 9.48 -7.18 4.84
C GLY B 393 9.57 -7.32 6.35
N THR B 394 9.19 -8.47 6.90
CA THR B 394 8.76 -9.64 6.12
C THR B 394 7.28 -9.67 5.76
N ASN B 395 6.49 -8.70 6.21
CA ASN B 395 5.03 -8.73 5.98
C ASN B 395 4.69 -9.15 4.55
N GLY B 396 5.30 -8.49 3.58
CA GLY B 396 4.98 -8.70 2.17
C GLY B 396 5.13 -10.12 1.70
N GLN B 397 5.98 -10.90 2.36
CA GLN B 397 6.23 -12.28 1.98
C GLN B 397 4.98 -13.12 2.12
N HIS B 398 4.08 -12.67 3.03
CA HIS B 398 2.89 -13.43 3.33
C HIS B 398 1.72 -12.74 2.73
N SER B 399 1.97 -11.83 1.78
CA SER B 399 0.91 -11.15 1.11
C SER B 399 0.98 -11.35 -0.39
N PHE B 400 2.01 -10.83 -1.06
CA PHE B 400 2.02 -10.80 -2.51
C PHE B 400 3.26 -11.43 -3.16
N TYR B 401 4.23 -11.86 -2.34
CA TYR B 401 5.43 -12.47 -2.92
C TYR B 401 5.08 -13.74 -3.71
N GLN B 402 4.00 -14.44 -3.37
CA GLN B 402 3.59 -15.62 -4.15
C GLN B 402 3.63 -15.29 -5.62
N LEU B 403 3.07 -14.13 -5.95
CA LEU B 403 2.99 -13.67 -7.35
C LEU B 403 4.37 -13.26 -7.88
N ILE B 404 5.13 -12.54 -7.06
CA ILE B 404 6.45 -12.08 -7.47
C ILE B 404 7.39 -13.26 -7.80
N HIS B 405 7.18 -14.39 -7.11
CA HIS B 405 7.92 -15.64 -7.35
C HIS B 405 7.44 -16.52 -8.46
N GLN B 406 6.12 -16.77 -8.56
CA GLN B 406 5.57 -17.66 -9.58
C GLN B 406 4.67 -17.05 -10.65
N GLY B 407 4.24 -15.82 -10.45
CA GLY B 407 3.34 -15.17 -11.39
C GLY B 407 4.10 -14.12 -12.22
N ARG B 408 3.50 -12.96 -12.43
CA ARG B 408 4.11 -11.90 -13.23
C ARG B 408 5.45 -11.46 -12.68
N VAL B 409 6.40 -11.14 -13.56
CA VAL B 409 7.72 -10.71 -13.09
C VAL B 409 7.63 -9.27 -12.62
N ILE B 410 8.11 -9.00 -11.42
CA ILE B 410 8.13 -7.65 -10.88
C ILE B 410 9.50 -7.38 -10.32
N PRO B 411 10.28 -6.52 -10.99
CA PRO B 411 11.57 -6.15 -10.43
C PRO B 411 11.44 -5.63 -9.01
N ALA B 412 12.37 -5.99 -8.13
CA ALA B 412 12.21 -5.76 -6.69
C ALA B 412 13.40 -4.98 -6.17
N GLU B 413 13.19 -4.18 -5.13
CA GLU B 413 14.23 -3.42 -4.54
C GLU B 413 14.14 -3.68 -3.06
N PHE B 414 15.09 -4.44 -2.55
CA PHE B 414 15.14 -4.83 -1.14
C PHE B 414 15.98 -3.81 -0.39
N ILE B 415 15.45 -3.27 0.70
CA ILE B 415 16.17 -2.30 1.55
C ILE B 415 16.28 -2.80 2.99
N GLY B 416 17.48 -2.79 3.52
CA GLY B 416 17.73 -3.32 4.86
C GLY B 416 18.73 -2.48 5.61
N PHE B 417 18.89 -2.79 6.89
CA PHE B 417 19.77 -2.05 7.79
C PHE B 417 20.52 -2.99 8.66
N CYS B 418 21.76 -2.65 8.97
CA CYS B 418 22.64 -3.59 9.68
C CYS B 418 22.30 -3.72 11.15
N LYS B 419 21.78 -2.65 11.75
CA LYS B 419 21.39 -2.69 13.15
C LYS B 419 19.92 -2.34 13.31
N SER B 420 19.35 -2.87 14.39
CA SER B 420 17.98 -2.61 14.78
C SER B 420 17.83 -1.39 15.68
N GLN B 421 16.72 -0.67 15.57
CA GLN B 421 16.41 0.39 16.52
C GLN B 421 16.02 -0.17 17.89
N ARG B 422 15.52 -1.40 17.91
CA ARG B 422 15.06 -2.05 19.16
C ARG B 422 15.46 -3.51 19.22
N ALA B 423 16.76 -3.75 19.35
CA ALA B 423 17.29 -5.11 19.30
C ALA B 423 16.69 -6.00 20.41
N ILE B 424 16.27 -7.20 20.04
CA ILE B 424 15.93 -8.26 21.00
C ILE B 424 16.83 -9.46 20.68
N LYS B 425 17.40 -10.07 21.71
CA LYS B 425 18.03 -11.37 21.56
C LYS B 425 17.59 -12.23 22.73
N LEU B 426 16.78 -13.27 22.47
CA LEU B 426 16.36 -14.20 23.53
C LEU B 426 17.42 -15.31 23.84
N LYS B 427 17.70 -15.56 25.13
CA LYS B 427 18.61 -16.68 25.59
C LYS B 427 18.30 -18.01 24.92
N GLU B 428 17.02 -18.38 24.90
CA GLU B 428 16.59 -19.66 24.37
C GLU B 428 16.70 -19.71 22.85
N GLU B 429 17.11 -18.60 22.22
CA GLU B 429 16.90 -18.43 20.79
C GLU B 429 18.19 -18.54 19.99
N PRO B 430 18.16 -19.29 18.88
CA PRO B 430 19.39 -19.45 18.11
C PRO B 430 19.94 -18.10 17.58
N VAL B 431 19.09 -17.27 16.98
CA VAL B 431 19.52 -15.95 16.53
C VAL B 431 18.65 -14.81 17.11
N SER B 432 19.20 -13.60 17.06
CA SER B 432 18.53 -12.39 17.45
C SER B 432 17.37 -12.16 16.50
N ASN B 433 16.34 -11.46 16.98
CA ASN B 433 15.18 -11.19 16.13
C ASN B 433 15.52 -10.41 14.84
N HIS B 434 16.47 -9.51 14.92
CA HIS B 434 16.92 -8.78 13.73
C HIS B 434 17.57 -9.72 12.76
N ASP B 435 18.40 -10.63 13.25
CA ASP B 435 19.07 -11.60 12.36
C ASP B 435 18.00 -12.48 11.67
N GLU B 436 16.91 -12.81 12.39
CA GLU B 436 15.85 -13.59 11.79
C GLU B 436 15.20 -12.78 10.67
N LEU B 437 14.91 -11.51 10.95
CA LEU B 437 14.37 -10.63 9.93
C LEU B 437 15.33 -10.65 8.73
N MET B 438 16.61 -10.47 9.01
CA MET B 438 17.57 -10.29 7.94
C MET B 438 17.83 -11.57 7.15
N SER B 439 17.59 -12.72 7.79
CA SER B 439 17.72 -13.99 7.08
C SER B 439 16.83 -14.00 5.82
N ASN B 440 15.65 -13.42 5.95
CA ASN B 440 14.69 -13.26 4.87
C ASN B 440 15.20 -12.24 3.84
N PHE B 441 15.71 -11.10 4.30
CA PHE B 441 16.30 -10.09 3.42
C PHE B 441 17.38 -10.71 2.50
N PHE B 442 18.23 -11.57 3.05
CA PHE B 442 19.33 -12.19 2.27
C PHE B 442 18.85 -13.31 1.39
N ALA B 443 17.78 -13.99 1.78
CA ALA B 443 17.31 -15.19 1.11
C ALA B 443 16.44 -14.86 -0.11
N GLN B 444 15.54 -13.92 0.05
CA GLN B 444 14.54 -13.65 -0.98
C GLN B 444 15.14 -13.30 -2.37
N PRO B 445 16.14 -12.43 -2.46
CA PRO B 445 16.69 -12.10 -3.77
C PRO B 445 17.25 -13.30 -4.47
N ASP B 446 17.90 -14.19 -3.73
CA ASP B 446 18.46 -15.41 -4.32
C ASP B 446 17.38 -16.39 -4.70
N ALA B 447 16.31 -16.45 -3.93
CA ALA B 447 15.15 -17.26 -4.30
C ALA B 447 14.64 -16.78 -5.66
N LEU B 448 14.49 -15.47 -5.81
CA LEU B 448 14.02 -14.85 -7.08
C LEU B 448 14.93 -15.08 -8.28
N ALA B 449 16.24 -15.00 -8.04
CA ALA B 449 17.21 -15.09 -9.13
C ALA B 449 17.39 -16.53 -9.60
N PHE B 450 17.61 -17.46 -8.67
CA PHE B 450 17.97 -18.87 -9.00
C PHE B 450 16.74 -19.78 -9.18
N GLY B 451 15.69 -19.55 -8.42
CA GLY B 451 14.49 -20.41 -8.46
C GLY B 451 14.79 -21.87 -8.08
N LYS B 452 14.04 -22.80 -8.65
CA LYS B 452 14.13 -24.20 -8.31
C LYS B 452 13.47 -24.96 -9.46
N THR B 453 14.30 -25.72 -10.16
CA THR B 453 13.87 -26.42 -11.37
C THR B 453 13.12 -27.71 -11.06
N PRO B 454 12.40 -28.24 -12.06
CA PRO B 454 11.74 -29.54 -11.87
C PRO B 454 12.71 -30.65 -11.52
N GLU B 455 13.89 -30.61 -12.11
CA GLU B 455 14.91 -31.64 -11.91
C GLU B 455 15.26 -31.66 -10.44
N GLU B 456 15.54 -30.49 -9.86
CA GLU B 456 15.90 -30.40 -8.44
C GLU B 456 14.75 -30.84 -7.57
N LEU B 457 13.53 -30.46 -7.96
CA LEU B 457 12.36 -30.96 -7.26
C LEU B 457 12.27 -32.50 -7.28
N ARG B 458 12.57 -33.13 -8.42
CA ARG B 458 12.55 -34.59 -8.47
C ARG B 458 13.58 -35.19 -7.53
N LYS B 459 14.78 -34.63 -7.51
CA LYS B 459 15.83 -35.09 -6.62
C LYS B 459 15.44 -35.01 -5.17
N GLU B 460 14.54 -34.10 -4.81
CA GLU B 460 14.13 -33.93 -3.41
C GLU B 460 12.92 -34.80 -3.04
N GLY B 461 12.49 -35.69 -3.94
CA GLY B 461 11.31 -36.54 -3.72
C GLY B 461 9.92 -35.96 -3.95
N ILE B 462 9.79 -34.74 -4.47
CA ILE B 462 8.44 -34.18 -4.79
C ILE B 462 7.69 -35.06 -5.82
N PRO B 463 6.48 -35.55 -5.47
CA PRO B 463 5.81 -36.38 -6.51
C PRO B 463 5.61 -35.61 -7.81
N GLU B 464 5.65 -36.33 -8.92
CA GLU B 464 5.60 -35.74 -10.24
C GLU B 464 4.34 -34.87 -10.38
N LYS B 465 3.28 -35.23 -9.67
CA LYS B 465 2.00 -34.49 -9.65
C LYS B 465 2.13 -33.03 -9.21
N LEU B 466 2.96 -32.80 -8.20
CA LEU B 466 3.15 -31.49 -7.59
C LEU B 466 4.32 -30.70 -8.18
N VAL B 467 5.14 -31.36 -9.00
CA VAL B 467 6.35 -30.75 -9.50
C VAL B 467 6.02 -29.43 -10.20
N PRO B 468 5.05 -29.44 -11.13
CA PRO B 468 4.75 -28.15 -11.80
C PRO B 468 4.31 -27.07 -10.81
N HIS B 469 3.52 -27.47 -9.82
CA HIS B 469 2.98 -26.53 -8.82
C HIS B 469 4.03 -25.91 -7.94
N LYS B 470 5.10 -26.65 -7.71
CA LYS B 470 6.19 -26.24 -6.81
C LYS B 470 7.43 -25.77 -7.58
N THR B 471 7.34 -25.64 -8.90
CA THR B 471 8.44 -25.12 -9.70
C THR B 471 8.58 -23.58 -9.49
N PHE B 472 9.82 -23.09 -9.40
CA PHE B 472 10.13 -21.64 -9.40
C PHE B 472 11.04 -21.38 -10.59
N PRO B 473 10.54 -20.72 -11.64
CA PRO B 473 11.36 -20.39 -12.80
C PRO B 473 12.61 -19.57 -12.53
N GLY B 474 12.58 -18.75 -11.48
CA GLY B 474 13.65 -17.81 -11.20
C GLY B 474 13.80 -16.77 -12.30
N ASP B 475 15.03 -16.32 -12.46
CA ASP B 475 15.38 -15.29 -13.44
C ASP B 475 14.69 -13.95 -13.14
N ARG B 476 14.28 -13.71 -11.90
CA ARG B 476 13.55 -12.45 -11.58
C ARG B 476 14.52 -11.48 -10.88
N PRO B 477 14.55 -10.24 -11.35
CA PRO B 477 15.66 -9.42 -10.92
C PRO B 477 15.41 -8.63 -9.60
N SER B 478 16.50 -8.23 -8.97
CA SER B 478 16.43 -7.44 -7.80
C SER B 478 17.69 -6.64 -7.52
N CYS B 479 17.51 -5.59 -6.75
CA CYS B 479 18.60 -4.82 -6.17
C CYS B 479 18.50 -4.95 -4.66
N MET B 480 19.67 -4.98 -4.00
CA MET B 480 19.75 -4.95 -2.55
C MET B 480 20.50 -3.68 -2.16
N LEU B 481 19.89 -2.93 -1.23
CA LEU B 481 20.45 -1.73 -0.60
C LEU B 481 20.53 -1.98 0.88
N LEU B 482 21.70 -1.73 1.46
CA LEU B 482 21.91 -1.95 2.87
C LEU B 482 22.59 -0.72 3.47
N PHE B 483 21.97 -0.12 4.50
CA PHE B 483 22.51 1.00 5.24
C PHE B 483 22.96 0.51 6.62
N PRO B 484 23.74 1.34 7.34
CA PRO B 484 24.18 0.90 8.66
C PRO B 484 23.06 0.78 9.71
N GLU B 485 22.15 1.77 9.74
CA GLU B 485 21.12 1.79 10.78
C GLU B 485 20.03 2.80 10.42
N ILE B 486 18.87 2.74 11.06
CA ILE B 486 17.80 3.65 10.74
C ILE B 486 17.98 4.87 11.65
N SER B 487 18.97 5.71 11.30
CA SER B 487 19.25 7.03 11.89
C SER B 487 18.58 8.11 11.04
N PRO B 488 18.36 9.30 11.61
CA PRO B 488 17.86 10.40 10.76
C PRO B 488 18.77 10.64 9.54
N PHE B 489 20.07 10.52 9.72
CA PHE B 489 21.03 10.74 8.63
C PHE B 489 20.77 9.73 7.46
N HIS B 490 20.72 8.45 7.77
CA HIS B 490 20.49 7.44 6.71
C HIS B 490 19.11 7.48 6.09
N ILE B 491 18.11 7.86 6.87
CA ILE B 491 16.79 8.16 6.31
C ILE B 491 16.85 9.25 5.28
N GLY B 492 17.54 10.35 5.59
CA GLY B 492 17.85 11.41 4.60
C GLY B 492 18.55 10.91 3.34
N GLN B 493 19.57 10.07 3.50
CA GLN B 493 20.29 9.49 2.35
C GLN B 493 19.38 8.65 1.49
N LEU B 494 18.53 7.84 2.13
CA LEU B 494 17.60 6.96 1.39
C LEU B 494 16.59 7.81 0.61
N LEU B 495 16.05 8.84 1.26
CA LEU B 495 15.11 9.73 0.60
C LEU B 495 15.71 10.37 -0.64
N ALA B 496 16.87 11.00 -0.48
CA ALA B 496 17.48 11.74 -1.58
C ALA B 496 17.92 10.78 -2.71
N LEU B 497 18.40 9.59 -2.36
CA LEU B 497 18.69 8.56 -3.35
C LEU B 497 17.51 8.32 -4.29
N TYR B 498 16.32 8.21 -3.71
CA TYR B 498 15.12 7.93 -4.50
C TYR B 498 14.66 9.17 -5.30
N GLU B 499 14.76 10.35 -4.71
CA GLU B 499 14.41 11.59 -5.40
C GLU B 499 15.28 11.71 -6.67
N HIS B 500 16.55 11.37 -6.55
CA HIS B 500 17.48 11.56 -7.66
C HIS B 500 17.33 10.47 -8.70
N ARG B 501 17.06 9.24 -8.25
CA ARG B 501 16.82 8.12 -9.16
C ARG B 501 15.60 8.40 -10.05
N VAL B 502 14.54 8.96 -9.47
CA VAL B 502 13.34 9.33 -10.22
C VAL B 502 13.71 10.41 -11.26
N ALA B 503 14.51 11.39 -10.85
CA ALA B 503 14.96 12.42 -11.77
C ALA B 503 15.78 11.83 -12.93
N VAL B 504 16.65 10.88 -12.61
CA VAL B 504 17.44 10.20 -13.62
C VAL B 504 16.56 9.54 -14.68
N GLU B 505 15.57 8.80 -14.25
CA GLU B 505 14.69 8.11 -15.21
C GLU B 505 13.97 9.12 -16.08
N GLY B 506 13.48 10.21 -15.48
CA GLY B 506 12.83 11.28 -16.25
C GLY B 506 13.71 11.81 -17.37
N TRP B 507 14.96 12.10 -17.03
CA TRP B 507 15.89 12.67 -18.01
C TRP B 507 16.29 11.68 -19.06
N LEU B 508 16.43 10.40 -18.67
CA LEU B 508 16.66 9.37 -19.67
C LEU B 508 15.52 9.33 -20.66
N TRP B 509 14.28 9.40 -20.15
CA TRP B 509 13.11 9.36 -21.03
C TRP B 509 12.83 10.62 -21.78
N GLY B 510 13.29 11.75 -21.27
CA GLY B 510 13.03 13.01 -21.95
C GLY B 510 11.78 13.70 -21.47
N ILE B 511 11.21 13.22 -20.36
CA ILE B 511 9.98 13.78 -19.81
C ILE B 511 10.22 14.88 -18.76
N ASN B 512 9.13 15.48 -18.29
CA ASN B 512 9.20 16.39 -17.16
C ASN B 512 8.81 15.61 -15.93
N SER B 513 9.80 15.31 -15.10
CA SER B 513 9.53 14.62 -13.84
C SER B 513 8.84 15.49 -12.79
N PHE B 514 8.68 16.78 -13.10
CA PHE B 514 8.44 17.78 -12.05
C PHE B 514 7.10 18.57 -12.14
N ASP B 515 6.32 18.35 -13.20
CA ASP B 515 4.94 18.85 -13.27
C ASP B 515 3.92 17.72 -12.95
N GLN B 516 2.62 18.06 -12.91
CA GLN B 516 1.57 17.07 -12.66
C GLN B 516 0.25 17.61 -13.16
N TRP B 517 0.17 17.81 -14.46
CA TRP B 517 -1.05 18.32 -15.10
C TRP B 517 -2.15 17.28 -15.04
N GLY B 518 -1.75 16.02 -14.88
CA GLY B 518 -2.68 14.92 -14.81
C GLY B 518 -3.72 14.96 -13.70
N VAL B 519 -3.56 15.84 -12.71
CA VAL B 519 -4.51 15.90 -11.59
C VAL B 519 -5.63 16.93 -11.76
N GLU B 520 -5.48 17.80 -12.76
CA GLU B 520 -6.43 18.92 -12.94
C GLU B 520 -7.82 18.49 -13.36
N LEU B 521 -7.93 17.47 -14.21
CA LEU B 521 -9.24 17.15 -14.78
C LEU B 521 -10.22 16.69 -13.69
N GLY B 522 -9.74 15.85 -12.77
CA GLY B 522 -10.57 15.37 -11.66
C GLY B 522 -11.07 16.47 -10.74
N LYS B 523 -10.21 17.48 -10.54
CA LYS B 523 -10.53 18.61 -9.69
C LYS B 523 -11.60 19.48 -10.32
N VAL B 524 -11.45 19.81 -11.61
CA VAL B 524 -12.46 20.63 -12.30
C VAL B 524 -13.80 19.89 -12.30
N LEU B 525 -13.80 18.60 -12.66
CA LEU B 525 -15.06 17.88 -12.70
C LEU B 525 -15.66 17.71 -11.31
N ALA B 526 -14.84 17.51 -10.30
CA ALA B 526 -15.39 17.34 -8.94
C ALA B 526 -16.10 18.64 -8.47
N LYS B 527 -15.47 19.79 -8.75
CA LYS B 527 -16.07 21.10 -8.46
C LYS B 527 -17.48 21.21 -9.09
N GLY B 528 -17.65 20.77 -10.35
CA GLY B 528 -19.00 20.72 -10.96
C GLY B 528 -20.00 19.80 -10.24
N VAL B 529 -19.53 18.66 -9.76
CA VAL B 529 -20.43 17.68 -9.10
C VAL B 529 -20.81 18.27 -7.75
N ARG B 530 -19.86 18.96 -7.14
CA ARG B 530 -20.11 19.65 -5.89
C ARG B 530 -21.32 20.56 -6.03
N GLY B 531 -21.34 21.36 -7.08
CA GLY B 531 -22.44 22.29 -7.33
C GLY B 531 -23.80 21.63 -7.57
N ILE B 532 -23.77 20.51 -8.30
CA ILE B 532 -24.96 19.71 -8.56
C ILE B 532 -25.50 19.19 -7.23
N LEU B 533 -24.61 18.64 -6.41
CA LEU B 533 -24.99 18.09 -5.11
C LEU B 533 -25.58 19.16 -4.20
N GLN B 534 -24.99 20.37 -4.19
CA GLN B 534 -25.52 21.45 -3.41
C GLN B 534 -26.96 21.72 -3.84
N LYS B 535 -27.16 21.84 -5.14
CA LYS B 535 -28.49 22.13 -5.65
C LYS B 535 -29.48 21.04 -5.30
N ARG B 536 -29.06 19.78 -5.36
CA ARG B 536 -29.97 18.70 -4.93
C ARG B 536 -30.26 18.75 -3.43
N ARG B 537 -29.25 19.05 -2.60
CA ARG B 537 -29.50 19.16 -1.17
C ARG B 537 -30.41 20.34 -0.91
N GLU B 538 -30.28 21.38 -1.71
CA GLU B 538 -31.13 22.55 -1.53
C GLU B 538 -32.55 22.37 -2.11
N GLY B 539 -32.89 21.17 -2.59
CA GLY B 539 -34.23 20.92 -3.09
C GLY B 539 -34.45 21.16 -4.59
N LYS B 540 -33.44 21.58 -5.35
CA LYS B 540 -33.64 21.61 -6.82
C LYS B 540 -33.90 20.17 -7.30
N ALA B 541 -34.77 20.00 -8.29
CA ALA B 541 -35.09 18.69 -8.85
C ALA B 541 -33.93 18.24 -9.75
N PRO B 542 -33.91 16.95 -10.11
CA PRO B 542 -32.90 16.49 -11.06
C PRO B 542 -32.74 17.37 -12.31
N HIS B 543 -33.83 17.86 -12.88
CA HIS B 543 -33.72 18.64 -14.13
C HIS B 543 -33.29 20.08 -13.91
N GLU B 544 -33.13 20.49 -12.65
CA GLU B 544 -32.79 21.85 -12.29
C GLU B 544 -31.39 21.96 -11.69
N SER B 545 -30.68 20.84 -11.52
CA SER B 545 -29.48 20.88 -10.73
C SER B 545 -28.21 21.01 -11.57
N GLY B 546 -28.30 20.80 -12.89
CA GLY B 546 -27.12 20.64 -13.78
C GLY B 546 -26.77 19.17 -14.14
N GLN B 547 -27.28 18.21 -13.36
CA GLN B 547 -27.18 16.75 -13.62
C GLN B 547 -27.42 16.33 -15.06
N SER B 548 -28.38 17.00 -15.71
CA SER B 548 -28.79 16.62 -17.06
C SER B 548 -27.59 16.55 -18.03
N GLU B 549 -26.52 17.32 -17.78
CA GLU B 549 -25.34 17.33 -18.68
C GLU B 549 -24.34 16.17 -18.48
N LEU B 550 -24.54 15.34 -17.47
CA LEU B 550 -23.58 14.30 -17.19
C LEU B 550 -24.01 13.05 -17.94
N CYS B 551 -23.11 12.08 -18.11
CA CYS B 551 -23.49 10.83 -18.79
C CYS B 551 -24.50 10.08 -17.97
N SER B 552 -25.25 9.23 -18.65
CA SER B 552 -26.39 8.58 -18.00
C SER B 552 -25.93 7.88 -16.75
N SER B 553 -24.78 7.20 -16.87
CA SER B 553 -24.28 6.41 -15.78
C SER B 553 -24.19 7.23 -14.49
N THR B 554 -23.63 8.42 -14.64
CA THR B 554 -23.40 9.27 -13.49
C THR B 554 -24.71 9.84 -12.95
N ARG B 555 -25.64 10.17 -13.85
CA ARG B 555 -26.95 10.68 -13.44
C ARG B 555 -27.67 9.67 -12.55
N LYS B 556 -27.66 8.42 -12.98
CA LYS B 556 -28.29 7.33 -12.21
C LYS B 556 -27.63 7.15 -10.85
N ILE B 557 -26.31 7.06 -10.82
CA ILE B 557 -25.62 6.73 -9.57
C ILE B 557 -25.72 7.93 -8.61
N LEU B 558 -25.69 9.15 -9.14
CA LEU B 558 -25.92 10.35 -8.32
C LEU B 558 -27.30 10.33 -7.72
N GLU B 559 -28.34 9.97 -8.49
CA GLU B 559 -29.68 9.93 -7.92
C GLU B 559 -29.81 8.84 -6.85
N HIS B 560 -29.26 7.64 -7.10
CA HIS B 560 -29.14 6.60 -6.07
C HIS B 560 -28.53 7.20 -4.81
N TYR B 561 -27.39 7.86 -4.94
CA TYR B 561 -26.66 8.44 -3.80
C TYR B 561 -27.50 9.43 -2.97
N VAL B 562 -28.19 10.35 -3.66
CA VAL B 562 -29.11 11.32 -3.01
C VAL B 562 -30.29 10.59 -2.30
N GLN B 563 -31.00 9.71 -3.00
CA GLN B 563 -32.04 8.85 -2.40
C GLN B 563 -31.50 8.20 -1.12
N GLN B 564 -30.34 7.54 -1.21
CA GLN B 564 -29.86 6.76 -0.09
C GLN B 564 -29.32 7.59 1.03
N SER B 565 -29.12 8.88 0.80
CA SER B 565 -28.53 9.76 1.83
C SER B 565 -29.46 10.90 2.22
N LYS B 566 -30.61 11.03 1.52
CA LYS B 566 -31.77 11.85 1.91
C LYS B 566 -32.17 11.38 3.28
#